data_8T75
#
_entry.id   8T75
#
_cell.length_a   104.409
_cell.length_b   199.509
_cell.length_c   113.428
_cell.angle_alpha   90.000
_cell.angle_beta   112.280
_cell.angle_gamma   90.000
#
_symmetry.space_group_name_H-M   'C 1 2 1'
#
loop_
_entity.id
_entity.type
_entity.pdbx_description
1 polymer 'GTPase KRas'
2 polymer 'RAF proto-oncogene serine/threonine-protein kinase'
3 non-polymer 'PHOSPHOAMINOPHOSPHONIC ACID-GUANYLATE ESTER'
4 non-polymer 'MAGNESIUM ION'
5 non-polymer 'ZINC ION'
6 water water
#
loop_
_entity_poly.entity_id
_entity_poly.type
_entity_poly.pdbx_seq_one_letter_code
_entity_poly.pdbx_strand_id
1 'polypeptide(L)'
;GMTEYKLVVVGAGGVGKSALTIQLIQNHFVDEYDPTIEDSYRKQVVIDGETCLLDILDTAGQEEYSAMRDQYMRTGEGFL
CVFAINNTKSFEDIHHYREQIKRVKDSEDVPMVLVGNKCDLPSRTVDTKQAQDLARSYGIPFIETSAKTRQRVEDAFYTL
VREIRQYRLKKISKEEKT
;
A,C,E,G
2 'polypeptide(L)'
;SKTSNTIRVFLPNKQRTVVNVRNGMSLHDCLMKALKVRGLQPE(CAF)CAVFRLLHEHKGKKARLDWNTDAASLIGEELQ
VDFLDHVPLTTHNFARKTFLKLAFCDICQKFLLNGFRCQTCGYKFHEHCSTKVPTMCVDWS
;
B,D,F,H
#
loop_
_chem_comp.id
_chem_comp.type
_chem_comp.name
_chem_comp.formula
GNP non-polymer 'PHOSPHOAMINOPHOSPHONIC ACID-GUANYLATE ESTER' 'C10 H17 N6 O13 P3'
MG non-polymer 'MAGNESIUM ION' 'Mg 2'
ZN non-polymer 'ZINC ION' 'Zn 2'
#
# COMPACT_ATOMS: atom_id res chain seq x y z
N MET A 2 31.53 13.38 -17.07
CA MET A 2 30.89 12.49 -16.11
C MET A 2 30.01 11.47 -16.83
N THR A 3 30.35 10.19 -16.66
CA THR A 3 29.61 9.12 -17.33
C THR A 3 28.25 8.90 -16.67
N GLU A 4 27.28 8.51 -17.50
CA GLU A 4 25.90 8.32 -17.06
C GLU A 4 25.48 6.87 -17.26
N TYR A 5 24.63 6.38 -16.36
CA TYR A 5 24.09 5.04 -16.43
C TYR A 5 22.58 5.12 -16.30
N LYS A 6 21.87 4.65 -17.34
CA LYS A 6 20.41 4.67 -17.34
C LYS A 6 19.90 3.33 -16.83
N LEU A 7 19.44 3.31 -15.59
CA LEU A 7 18.93 2.10 -14.95
C LEU A 7 17.41 2.06 -15.02
N VAL A 8 16.88 0.84 -15.15
CA VAL A 8 15.45 0.60 -15.18
C VAL A 8 15.11 -0.43 -14.13
N VAL A 9 14.11 -0.13 -13.29
CA VAL A 9 13.67 -1.03 -12.23
C VAL A 9 12.33 -1.63 -12.66
N VAL A 10 12.30 -2.95 -12.83
CA VAL A 10 11.10 -3.64 -13.27
C VAL A 10 10.75 -4.72 -12.25
N GLY A 11 9.49 -5.12 -12.26
CA GLY A 11 9.01 -6.14 -11.35
C GLY A 11 7.51 -6.05 -11.18
N ALA A 12 6.99 -7.01 -10.41
CA ALA A 12 5.57 -7.04 -10.13
C ALA A 12 5.19 -5.93 -9.16
N GLY A 13 3.88 -5.74 -8.99
CA GLY A 13 3.40 -4.68 -8.13
C GLY A 13 3.59 -5.02 -6.66
N GLY A 14 4.00 -4.01 -5.90
CA GLY A 14 4.16 -4.16 -4.46
C GLY A 14 5.40 -4.91 -4.02
N VAL A 15 6.34 -5.18 -4.93
CA VAL A 15 7.55 -5.89 -4.55
C VAL A 15 8.60 -4.98 -3.90
N GLY A 16 8.43 -3.67 -4.01
CA GLY A 16 9.34 -2.74 -3.37
C GLY A 16 10.26 -2.02 -4.32
N LYS A 17 9.84 -1.86 -5.58
CA LYS A 17 10.65 -1.16 -6.57
C LYS A 17 10.88 0.29 -6.16
N SER A 18 9.80 0.97 -5.76
CA SER A 18 9.91 2.37 -5.36
C SER A 18 10.64 2.51 -4.03
N ALA A 19 10.44 1.56 -3.11
CA ALA A 19 11.08 1.64 -1.82
C ALA A 19 12.59 1.47 -1.93
N LEU A 20 13.05 0.59 -2.84
CA LEU A 20 14.48 0.43 -3.04
C LEU A 20 15.11 1.65 -3.68
N THR A 21 14.41 2.27 -4.62
CA THR A 21 14.96 3.44 -5.32
C THR A 21 15.04 4.64 -4.37
N ILE A 22 13.96 4.92 -3.65
CA ILE A 22 13.96 6.07 -2.73
C ILE A 22 14.94 5.83 -1.58
N GLN A 23 15.11 4.58 -1.15
CA GLN A 23 16.10 4.30 -0.13
C GLN A 23 17.52 4.58 -0.62
N LEU A 24 17.77 4.39 -1.92
CA LEU A 24 19.10 4.64 -2.44
C LEU A 24 19.41 6.13 -2.50
N ILE A 25 18.49 6.93 -3.04
CA ILE A 25 18.75 8.34 -3.26
C ILE A 25 18.41 9.23 -2.08
N GLN A 26 17.73 8.70 -1.06
CA GLN A 26 17.32 9.51 0.09
C GLN A 26 17.60 8.89 1.44
N ASN A 27 17.93 7.60 1.52
CA ASN A 27 18.11 6.90 2.79
C ASN A 27 16.85 7.02 3.65
N HIS A 28 15.69 6.96 2.99
CA HIS A 28 14.39 7.08 3.65
C HIS A 28 13.49 5.96 3.17
N PHE A 29 12.91 5.23 4.12
CA PHE A 29 12.04 4.10 3.80
C PHE A 29 10.60 4.56 3.70
N VAL A 30 10.02 4.46 2.50
CA VAL A 30 8.62 4.78 2.29
C VAL A 30 7.79 3.63 2.86
N ASP A 31 7.02 3.92 3.91
CA ASP A 31 6.23 2.87 4.54
C ASP A 31 4.87 2.69 3.86
N GLU A 32 4.35 3.74 3.23
CA GLU A 32 3.06 3.65 2.57
C GLU A 32 3.21 2.99 1.20
N TYR A 33 2.07 2.66 0.60
CA TYR A 33 2.01 2.01 -0.71
C TYR A 33 1.36 3.01 -1.67
N ASP A 34 2.20 3.66 -2.48
CA ASP A 34 1.73 4.53 -3.55
C ASP A 34 2.05 3.88 -4.89
N PRO A 35 1.08 3.25 -5.55
CA PRO A 35 1.37 2.57 -6.82
C PRO A 35 1.94 3.53 -7.85
N THR A 36 3.06 3.14 -8.44
CA THR A 36 3.77 3.96 -9.41
C THR A 36 3.09 3.91 -10.77
N ILE A 37 3.20 5.01 -11.50
CA ILE A 37 2.85 5.06 -12.92
C ILE A 37 4.11 5.22 -13.78
N GLU A 38 4.92 6.23 -13.47
CA GLU A 38 6.17 6.50 -14.16
C GLU A 38 6.96 7.55 -13.40
N ASP A 39 8.15 7.20 -12.91
CA ASP A 39 8.97 8.12 -12.13
C ASP A 39 10.42 8.00 -12.55
N SER A 40 11.02 9.13 -12.89
CA SER A 40 12.43 9.22 -13.27
C SER A 40 13.20 9.97 -12.19
N TYR A 41 14.31 9.40 -11.76
CA TYR A 41 15.17 10.01 -10.76
C TYR A 41 16.59 10.16 -11.29
N ARG A 42 17.32 11.12 -10.73
CA ARG A 42 18.72 11.34 -11.09
C ARG A 42 19.52 11.66 -9.84
N LYS A 43 20.60 10.91 -9.62
CA LYS A 43 21.39 11.03 -8.40
C LYS A 43 22.86 10.78 -8.75
N GLN A 44 23.73 11.61 -8.19
CA GLN A 44 25.17 11.46 -8.39
C GLN A 44 25.74 10.63 -7.25
N VAL A 45 26.40 9.52 -7.59
CA VAL A 45 27.03 8.64 -6.62
C VAL A 45 28.47 8.40 -7.05
N VAL A 46 29.22 7.72 -6.18
CA VAL A 46 30.59 7.33 -6.46
C VAL A 46 30.68 5.82 -6.34
N ILE A 47 31.01 5.16 -7.45
CA ILE A 47 31.09 3.71 -7.53
C ILE A 47 32.50 3.35 -7.97
N ASP A 48 33.25 2.70 -7.08
CA ASP A 48 34.63 2.27 -7.36
C ASP A 48 35.52 3.46 -7.72
N GLY A 49 35.37 4.56 -6.98
CA GLY A 49 36.17 5.75 -7.19
C GLY A 49 35.84 6.55 -8.42
N GLU A 50 34.67 6.33 -9.03
CA GLU A 50 34.26 7.04 -10.23
C GLU A 50 32.96 7.78 -9.96
N THR A 51 32.92 9.06 -10.33
CA THR A 51 31.71 9.85 -10.18
C THR A 51 30.69 9.44 -11.23
N CYS A 52 29.64 8.75 -10.81
CA CYS A 52 28.62 8.23 -11.70
C CYS A 52 27.33 9.04 -11.56
N LEU A 53 26.65 9.22 -12.68
CA LEU A 53 25.35 9.89 -12.71
C LEU A 53 24.29 8.83 -13.02
N LEU A 54 23.55 8.42 -12.00
CA LEU A 54 22.53 7.39 -12.16
C LEU A 54 21.22 8.01 -12.60
N ASP A 55 20.65 7.48 -13.68
CA ASP A 55 19.36 7.90 -14.19
C ASP A 55 18.41 6.71 -14.03
N ILE A 56 17.73 6.66 -12.88
CA ILE A 56 16.89 5.54 -12.51
C ILE A 56 15.46 5.81 -12.96
N LEU A 57 14.83 4.81 -13.56
CA LEU A 57 13.43 4.91 -13.99
C LEU A 57 12.62 3.86 -13.25
N ASP A 58 11.77 4.32 -12.33
CA ASP A 58 10.89 3.43 -11.58
C ASP A 58 9.63 3.17 -12.40
N THR A 59 9.37 1.90 -12.70
CA THR A 59 8.24 1.51 -13.53
C THR A 59 7.08 1.06 -12.67
N ALA A 60 5.95 0.80 -13.33
CA ALA A 60 4.75 0.32 -12.66
C ALA A 60 4.73 -1.21 -12.63
N GLY A 61 3.93 -1.75 -11.72
CA GLY A 61 3.76 -3.19 -11.61
C GLY A 61 3.17 -3.79 -12.87
N GLN A 62 1.95 -3.37 -13.20
CA GLN A 62 1.28 -3.77 -14.43
C GLN A 62 1.23 -2.53 -15.33
N GLU A 63 2.23 -2.40 -16.19
CA GLU A 63 2.37 -1.23 -17.05
C GLU A 63 1.67 -1.47 -18.39
N GLU A 64 1.16 -0.39 -18.97
CA GLU A 64 0.45 -0.48 -20.24
C GLU A 64 1.41 -0.89 -21.35
N TYR A 65 0.99 -1.87 -22.15
CA TYR A 65 1.83 -2.42 -23.21
C TYR A 65 1.73 -1.55 -24.47
N SER A 66 2.07 -0.28 -24.31
CA SER A 66 2.03 0.70 -25.37
C SER A 66 3.45 0.95 -25.89
N ALA A 67 3.58 1.94 -26.78
CA ALA A 67 4.90 2.31 -27.28
C ALA A 67 5.75 2.98 -26.21
N MET A 68 5.14 3.43 -25.12
CA MET A 68 5.90 4.03 -24.03
C MET A 68 6.72 2.98 -23.28
N ARG A 69 6.15 1.79 -23.10
CA ARG A 69 6.87 0.75 -22.38
C ARG A 69 8.02 0.18 -23.20
N ASP A 70 7.79 -0.04 -24.49
CA ASP A 70 8.86 -0.51 -25.37
C ASP A 70 9.91 0.56 -25.63
N GLN A 71 9.64 1.82 -25.30
CA GLN A 71 10.60 2.87 -25.56
C GLN A 71 11.64 2.98 -24.45
N TYR A 72 11.22 2.90 -23.19
CA TYR A 72 12.18 3.04 -22.10
C TYR A 72 13.05 1.79 -21.97
N MET A 73 12.54 0.63 -22.40
CA MET A 73 13.38 -0.56 -22.44
C MET A 73 14.43 -0.48 -23.54
N ARG A 74 14.18 0.30 -24.59
CA ARG A 74 15.15 0.46 -25.66
C ARG A 74 16.28 1.41 -25.26
N THR A 75 15.96 2.46 -24.50
CA THR A 75 16.95 3.42 -24.05
C THR A 75 17.54 3.07 -22.69
N GLY A 76 17.07 2.01 -22.04
CA GLY A 76 17.64 1.58 -20.78
C GLY A 76 18.90 0.76 -21.00
N GLU A 77 19.89 1.01 -20.15
CA GLU A 77 21.19 0.33 -20.26
C GLU A 77 21.35 -0.80 -19.25
N GLY A 78 20.64 -0.76 -18.13
CA GLY A 78 20.70 -1.83 -17.15
C GLY A 78 19.35 -1.98 -16.49
N PHE A 79 19.01 -3.23 -16.15
CA PHE A 79 17.68 -3.56 -15.65
C PHE A 79 17.78 -4.27 -14.32
N LEU A 80 17.06 -3.75 -13.33
CA LEU A 80 16.97 -4.34 -12.01
C LEU A 80 15.66 -5.11 -11.91
N CYS A 81 15.74 -6.42 -11.75
CA CYS A 81 14.56 -7.28 -11.70
C CYS A 81 14.26 -7.62 -10.24
N VAL A 82 13.24 -6.97 -9.69
CA VAL A 82 12.93 -7.06 -8.27
C VAL A 82 11.72 -7.96 -8.08
N PHE A 83 11.81 -8.86 -7.09
CA PHE A 83 10.68 -9.67 -6.65
C PHE A 83 10.71 -9.73 -5.13
N ALA A 84 9.53 -9.95 -4.54
CA ALA A 84 9.42 -10.09 -3.10
C ALA A 84 9.55 -11.55 -2.70
N ILE A 85 10.31 -11.81 -1.65
CA ILE A 85 10.54 -13.18 -1.21
C ILE A 85 9.29 -13.79 -0.58
N ASN A 86 8.36 -12.96 -0.11
CA ASN A 86 7.10 -13.43 0.45
C ASN A 86 5.98 -13.48 -0.59
N ASN A 87 6.30 -13.22 -1.85
CA ASN A 87 5.32 -13.25 -2.94
C ASN A 87 5.87 -14.17 -4.03
N THR A 88 5.43 -15.43 -4.01
CA THR A 88 5.92 -16.41 -4.97
C THR A 88 5.54 -16.03 -6.40
N LYS A 89 4.35 -15.47 -6.58
CA LYS A 89 3.91 -15.08 -7.92
C LYS A 89 4.81 -14.00 -8.50
N SER A 90 5.34 -13.10 -7.66
CA SER A 90 6.25 -12.08 -8.16
C SER A 90 7.56 -12.69 -8.62
N PHE A 91 8.01 -13.77 -7.98
CA PHE A 91 9.22 -14.44 -8.44
C PHE A 91 8.98 -15.18 -9.75
N GLU A 92 7.77 -15.70 -9.97
CA GLU A 92 7.46 -16.38 -11.21
C GLU A 92 7.41 -15.41 -12.38
N ASP A 93 7.06 -14.15 -12.12
CA ASP A 93 7.01 -13.14 -13.18
C ASP A 93 8.38 -12.67 -13.62
N ILE A 94 9.44 -13.04 -12.91
CA ILE A 94 10.79 -12.62 -13.28
C ILE A 94 11.17 -13.19 -14.64
N HIS A 95 10.71 -14.40 -14.95
CA HIS A 95 11.05 -15.02 -16.23
C HIS A 95 10.52 -14.20 -17.39
N HIS A 96 9.32 -13.64 -17.26
CA HIS A 96 8.74 -12.87 -18.35
C HIS A 96 9.51 -11.58 -18.59
N TYR A 97 9.94 -10.91 -17.52
CA TYR A 97 10.71 -9.68 -17.69
C TYR A 97 12.04 -9.96 -18.36
N ARG A 98 12.66 -11.11 -18.06
CA ARG A 98 13.92 -11.46 -18.69
C ARG A 98 13.78 -11.58 -20.21
N GLU A 99 12.80 -12.38 -20.65
CA GLU A 99 12.63 -12.59 -22.09
C GLU A 99 12.09 -11.33 -22.79
N GLN A 100 11.37 -10.48 -22.06
CA GLN A 100 10.82 -9.28 -22.67
C GLN A 100 11.90 -8.26 -22.97
N ILE A 101 12.88 -8.12 -22.06
CA ILE A 101 13.98 -7.19 -22.28
C ILE A 101 14.86 -7.67 -23.43
N LYS A 102 15.07 -8.99 -23.52
CA LYS A 102 15.93 -9.53 -24.57
C LYS A 102 15.29 -9.43 -25.95
N ARG A 103 13.97 -9.27 -26.02
CA ARG A 103 13.30 -9.15 -27.32
C ARG A 103 13.22 -7.71 -27.80
N VAL A 104 12.98 -6.75 -26.89
CA VAL A 104 12.84 -5.36 -27.31
C VAL A 104 14.19 -4.79 -27.74
N LYS A 105 15.26 -5.18 -27.05
CA LYS A 105 16.59 -4.72 -27.41
C LYS A 105 17.21 -5.55 -28.54
N ASP A 106 16.64 -6.72 -28.83
CA ASP A 106 17.12 -7.59 -29.91
C ASP A 106 18.60 -7.91 -29.74
N SER A 107 18.97 -8.30 -28.52
CA SER A 107 20.36 -8.66 -28.24
C SER A 107 20.40 -9.54 -26.99
N GLU A 108 21.59 -10.01 -26.68
CA GLU A 108 21.87 -10.81 -25.50
C GLU A 108 22.89 -10.05 -24.64
N ASP A 109 23.15 -10.59 -23.45
CA ASP A 109 24.11 -10.02 -22.51
C ASP A 109 23.66 -8.65 -22.00
N VAL A 110 22.35 -8.43 -21.97
CA VAL A 110 21.78 -7.20 -21.41
C VAL A 110 22.08 -7.16 -19.92
N PRO A 111 22.76 -6.13 -19.43
CA PRO A 111 23.09 -6.08 -17.98
C PRO A 111 21.84 -6.18 -17.12
N MET A 112 21.82 -7.16 -16.23
CA MET A 112 20.64 -7.47 -15.45
C MET A 112 21.06 -8.01 -14.09
N VAL A 113 20.23 -7.72 -13.08
CA VAL A 113 20.48 -8.15 -11.71
C VAL A 113 19.17 -8.62 -11.10
N LEU A 114 19.17 -9.81 -10.52
CA LEU A 114 18.01 -10.34 -9.82
C LEU A 114 18.05 -9.89 -8.37
N VAL A 115 16.95 -9.30 -7.89
CA VAL A 115 16.88 -8.69 -6.56
C VAL A 115 15.72 -9.32 -5.80
N GLY A 116 16.02 -9.92 -4.65
CA GLY A 116 15.00 -10.45 -3.77
C GLY A 116 14.75 -9.54 -2.59
N ASN A 117 13.65 -8.78 -2.64
CA ASN A 117 13.39 -7.75 -1.66
C ASN A 117 12.60 -8.30 -0.47
N LYS A 118 12.50 -7.47 0.57
CA LYS A 118 11.72 -7.78 1.77
C LYS A 118 12.29 -9.00 2.51
N CYS A 119 13.62 -9.06 2.62
CA CYS A 119 14.26 -10.15 3.35
C CYS A 119 14.21 -9.95 4.86
N ASP A 120 13.69 -8.82 5.34
CA ASP A 120 13.51 -8.63 6.77
C ASP A 120 12.29 -9.35 7.31
N LEU A 121 11.30 -9.64 6.46
CA LEU A 121 10.12 -10.34 6.91
C LEU A 121 10.44 -11.81 7.20
N PRO A 122 9.79 -12.40 8.21
CA PRO A 122 10.01 -13.82 8.52
C PRO A 122 9.10 -14.80 7.79
N SER A 123 8.21 -14.31 6.93
CA SER A 123 7.30 -15.17 6.19
C SER A 123 7.82 -15.36 4.76
N ARG A 124 8.95 -16.06 4.68
CA ARG A 124 9.61 -16.31 3.41
C ARG A 124 8.92 -17.45 2.68
N THR A 125 8.51 -17.20 1.44
CA THR A 125 7.89 -18.22 0.60
C THR A 125 8.71 -18.58 -0.64
N VAL A 126 9.72 -17.79 -0.98
CA VAL A 126 10.61 -18.08 -2.09
C VAL A 126 11.98 -18.41 -1.50
N ASP A 127 12.41 -19.65 -1.66
CA ASP A 127 13.68 -20.08 -1.11
C ASP A 127 14.83 -19.41 -1.85
N THR A 128 15.94 -19.20 -1.14
CA THR A 128 17.12 -18.59 -1.75
C THR A 128 17.71 -19.48 -2.83
N LYS A 129 17.60 -20.81 -2.68
CA LYS A 129 18.09 -21.72 -3.70
C LYS A 129 17.35 -21.53 -5.01
N GLN A 130 16.05 -21.26 -4.94
CA GLN A 130 15.26 -21.05 -6.16
C GLN A 130 15.77 -19.87 -6.96
N ALA A 131 16.10 -18.77 -6.26
CA ALA A 131 16.52 -17.55 -6.96
C ALA A 131 17.93 -17.68 -7.50
N GLN A 132 18.83 -18.33 -6.74
CA GLN A 132 20.19 -18.52 -7.22
C GLN A 132 20.23 -19.46 -8.43
N ASP A 133 19.34 -20.45 -8.47
CA ASP A 133 19.28 -21.34 -9.64
C ASP A 133 18.75 -20.61 -10.85
N LEU A 134 17.79 -19.69 -10.65
CA LEU A 134 17.29 -18.91 -11.77
C LEU A 134 18.32 -17.88 -12.24
N ALA A 135 19.09 -17.32 -11.31
CA ALA A 135 20.07 -16.31 -11.67
C ALA A 135 21.29 -16.93 -12.34
N ARG A 136 21.70 -18.11 -11.88
CA ARG A 136 22.87 -18.76 -12.48
C ARG A 136 22.58 -19.24 -13.89
N SER A 137 21.35 -19.69 -14.15
CA SER A 137 20.98 -20.07 -15.50
C SER A 137 20.88 -18.88 -16.43
N TYR A 138 20.73 -17.67 -15.89
CA TYR A 138 20.74 -16.45 -16.69
C TYR A 138 22.11 -15.82 -16.81
N GLY A 139 23.05 -16.17 -15.93
CA GLY A 139 24.34 -15.53 -15.91
C GLY A 139 24.34 -14.15 -15.31
N ILE A 140 23.40 -13.87 -14.41
CA ILE A 140 23.27 -12.56 -13.78
C ILE A 140 23.41 -12.70 -12.27
N PRO A 141 23.91 -11.68 -11.58
CA PRO A 141 24.04 -11.80 -10.12
C PRO A 141 22.69 -11.71 -9.43
N PHE A 142 22.61 -12.35 -8.27
CA PHE A 142 21.42 -12.33 -7.41
C PHE A 142 21.78 -11.72 -6.06
N ILE A 143 20.89 -10.86 -5.56
CA ILE A 143 21.13 -10.14 -4.31
C ILE A 143 19.83 -10.09 -3.53
N GLU A 144 19.90 -10.41 -2.23
CA GLU A 144 18.76 -10.24 -1.33
C GLU A 144 18.84 -8.87 -0.67
N THR A 145 17.76 -8.10 -0.76
CA THR A 145 17.73 -6.74 -0.26
C THR A 145 16.58 -6.56 0.72
N SER A 146 16.65 -5.46 1.47
CA SER A 146 15.58 -5.07 2.38
C SER A 146 15.52 -3.54 2.39
N ALA A 147 14.51 -2.98 1.73
CA ALA A 147 14.37 -1.53 1.70
C ALA A 147 14.01 -0.95 3.06
N LYS A 148 13.48 -1.77 3.97
CA LYS A 148 13.10 -1.27 5.28
C LYS A 148 14.33 -0.98 6.14
N THR A 149 15.26 -1.93 6.21
CA THR A 149 16.48 -1.78 6.99
C THR A 149 17.69 -1.41 6.14
N ARG A 150 17.49 -1.15 4.85
CA ARG A 150 18.56 -0.77 3.93
C ARG A 150 19.70 -1.79 3.97
N GLN A 151 19.36 -3.02 3.58
CA GLN A 151 20.32 -4.13 3.55
C GLN A 151 20.66 -4.42 2.09
N ARG A 152 21.93 -4.21 1.74
CA ARG A 152 22.45 -4.46 0.39
C ARG A 152 21.68 -3.67 -0.67
N VAL A 153 21.15 -2.51 -0.30
CA VAL A 153 20.46 -1.67 -1.29
C VAL A 153 21.47 -1.04 -2.24
N GLU A 154 22.56 -0.50 -1.69
CA GLU A 154 23.63 0.00 -2.54
C GLU A 154 24.28 -1.12 -3.35
N ASP A 155 24.35 -2.32 -2.75
CA ASP A 155 24.95 -3.45 -3.46
C ASP A 155 24.13 -3.85 -4.68
N ALA A 156 22.82 -3.67 -4.64
CA ALA A 156 21.98 -4.03 -5.78
C ALA A 156 22.21 -3.10 -6.97
N PHE A 157 22.24 -1.79 -6.71
CA PHE A 157 22.42 -0.83 -7.79
C PHE A 157 23.86 -0.75 -8.25
N TYR A 158 24.81 -0.81 -7.32
CA TYR A 158 26.22 -0.74 -7.70
C TYR A 158 26.63 -1.97 -8.52
N THR A 159 26.04 -3.13 -8.23
CA THR A 159 26.33 -4.32 -9.03
C THR A 159 25.84 -4.13 -10.46
N LEU A 160 24.65 -3.55 -10.62
CA LEU A 160 24.12 -3.32 -11.97
C LEU A 160 24.98 -2.33 -12.74
N VAL A 161 25.54 -1.35 -12.05
CA VAL A 161 26.41 -0.37 -12.72
C VAL A 161 27.70 -1.03 -13.18
N ARG A 162 28.28 -1.90 -12.35
CA ARG A 162 29.48 -2.62 -12.76
C ARG A 162 29.19 -3.56 -13.93
N GLU A 163 27.99 -4.14 -13.97
CA GLU A 163 27.60 -4.95 -15.11
C GLU A 163 27.54 -4.14 -16.40
N ILE A 164 27.14 -2.87 -16.30
CA ILE A 164 27.12 -2.01 -17.47
C ILE A 164 28.53 -1.61 -17.87
N ARG A 165 29.40 -1.34 -16.88
CA ARG A 165 30.78 -0.99 -17.18
C ARG A 165 31.47 -2.11 -17.94
N GLN A 166 31.34 -3.35 -17.46
CA GLN A 166 31.95 -4.48 -18.13
C GLN A 166 31.33 -4.72 -19.50
N TYR A 167 30.02 -4.44 -19.64
CA TYR A 167 29.38 -4.59 -20.94
C TYR A 167 29.82 -3.53 -21.93
N ARG A 168 30.14 -2.33 -21.45
CA ARG A 168 30.60 -1.26 -22.32
C ARG A 168 32.01 -1.48 -22.84
N LEU A 169 32.78 -2.40 -22.24
CA LEU A 169 34.13 -2.70 -22.67
C LEU A 169 34.18 -3.81 -23.72
N LYS A 170 33.15 -3.92 -24.56
CA LYS A 170 33.12 -4.91 -25.63
C LYS A 170 33.77 -4.31 -26.87
N LYS A 171 35.01 -4.70 -27.13
CA LYS A 171 35.75 -4.20 -28.28
C LYS A 171 37.02 -5.04 -28.49
N THR B 6 -4.75 11.00 -15.53
CA THR B 6 -3.35 11.19 -15.18
C THR B 6 -2.78 12.46 -15.83
N ILE B 7 -1.66 12.93 -15.29
CA ILE B 7 -0.98 14.12 -15.79
C ILE B 7 0.52 13.88 -15.74
N ARG B 8 1.21 14.09 -16.85
CA ARG B 8 2.66 13.97 -16.91
C ARG B 8 3.29 15.30 -16.50
N VAL B 9 4.14 15.25 -15.48
CA VAL B 9 4.78 16.44 -14.91
C VAL B 9 6.28 16.28 -15.05
N PHE B 10 6.92 17.23 -15.73
CA PHE B 10 8.37 17.26 -15.82
C PHE B 10 8.94 18.03 -14.65
N LEU B 11 9.98 17.47 -14.03
CA LEU B 11 10.58 18.01 -12.82
C LEU B 11 11.98 18.55 -13.10
N PRO B 12 12.52 19.38 -12.22
CA PRO B 12 13.86 19.94 -12.45
C PRO B 12 14.93 18.85 -12.55
N ASN B 13 16.03 19.21 -13.21
CA ASN B 13 17.19 18.33 -13.38
C ASN B 13 16.82 17.07 -14.16
N LYS B 14 16.15 17.27 -15.30
CA LYS B 14 15.90 16.21 -16.28
C LYS B 14 15.14 15.03 -15.67
N GLN B 15 14.22 15.32 -14.77
CA GLN B 15 13.40 14.30 -14.13
C GLN B 15 11.94 14.50 -14.52
N ARG B 16 11.11 13.50 -14.19
CA ARG B 16 9.70 13.56 -14.53
C ARG B 16 8.95 12.58 -13.66
N THR B 17 7.63 12.74 -13.64
CA THR B 17 6.74 11.86 -12.90
C THR B 17 5.34 11.96 -13.48
N VAL B 18 4.53 10.94 -13.24
CA VAL B 18 3.12 10.91 -13.66
C VAL B 18 2.27 10.75 -12.42
N VAL B 19 1.33 11.66 -12.22
CA VAL B 19 0.51 11.69 -11.01
C VAL B 19 -0.94 11.41 -11.38
N ASN B 20 -1.66 10.78 -10.46
CA ASN B 20 -3.09 10.59 -10.61
C ASN B 20 -3.83 11.88 -10.30
N VAL B 21 -5.00 12.03 -10.90
CA VAL B 21 -5.80 13.25 -10.79
C VAL B 21 -7.04 12.94 -9.97
N ARG B 22 -7.13 13.54 -8.78
CA ARG B 22 -8.35 13.55 -7.99
C ARG B 22 -8.93 14.95 -8.03
N ASN B 23 -10.24 15.03 -8.30
CA ASN B 23 -10.89 16.33 -8.40
C ASN B 23 -10.82 17.08 -7.08
N GLY B 24 -10.47 18.37 -7.15
CA GLY B 24 -10.33 19.20 -5.99
C GLY B 24 -8.93 19.25 -5.40
N MET B 25 -8.08 18.26 -5.72
CA MET B 25 -6.73 18.24 -5.17
C MET B 25 -5.86 19.25 -5.90
N SER B 26 -5.20 20.12 -5.14
CA SER B 26 -4.34 21.14 -5.73
C SER B 26 -3.09 20.51 -6.35
N LEU B 27 -2.42 21.29 -7.19
CA LEU B 27 -1.17 20.83 -7.78
C LEU B 27 -0.10 20.62 -6.71
N HIS B 28 -0.13 21.43 -5.65
CA HIS B 28 0.86 21.29 -4.58
C HIS B 28 0.74 19.93 -3.91
N ASP B 29 -0.50 19.49 -3.63
CA ASP B 29 -0.69 18.22 -2.95
C ASP B 29 -0.40 17.02 -3.86
N CYS B 30 -0.51 17.20 -5.18
CA CYS B 30 -0.20 16.11 -6.10
C CYS B 30 1.30 15.90 -6.25
N LEU B 31 2.09 16.97 -6.21
CA LEU B 31 3.51 16.90 -6.46
C LEU B 31 4.36 17.02 -5.19
N MET B 32 3.73 17.08 -4.02
CA MET B 32 4.49 17.26 -2.78
C MET B 32 5.45 16.10 -2.54
N LYS B 33 4.95 14.87 -2.63
CA LYS B 33 5.81 13.71 -2.37
C LYS B 33 6.88 13.56 -3.44
N ALA B 34 6.53 13.80 -4.71
CA ALA B 34 7.49 13.67 -5.78
C ALA B 34 8.64 14.67 -5.64
N LEU B 35 8.36 15.87 -5.15
CA LEU B 35 9.41 16.86 -4.97
C LEU B 35 10.28 16.54 -3.76
N LYS B 36 9.67 16.11 -2.65
CA LYS B 36 10.43 15.82 -1.44
C LYS B 36 11.38 14.65 -1.65
N VAL B 37 10.96 13.64 -2.41
CA VAL B 37 11.80 12.47 -2.64
C VAL B 37 13.03 12.86 -3.48
N ARG B 38 12.90 13.84 -4.36
CA ARG B 38 14.00 14.28 -5.20
C ARG B 38 14.81 15.41 -4.57
N GLY B 39 14.69 15.61 -3.26
CA GLY B 39 15.45 16.66 -2.59
C GLY B 39 15.06 18.06 -3.03
N LEU B 40 13.81 18.26 -3.42
CA LEU B 40 13.33 19.56 -3.88
C LEU B 40 12.24 20.06 -2.95
N GLN B 41 12.12 21.38 -2.86
CA GLN B 41 11.11 22.01 -2.03
C GLN B 41 10.17 22.85 -2.88
N PRO B 42 8.87 22.80 -2.61
CA PRO B 42 7.93 23.64 -3.38
C PRO B 42 8.18 25.13 -3.21
N GLU B 43 8.83 25.54 -2.12
CA GLU B 43 9.09 26.95 -1.86
C GLU B 43 10.10 27.56 -2.84
N CAF B 44 10.85 26.70 -3.54
CA CAF B 44 11.86 27.16 -4.47
CB CAF B 44 13.20 26.46 -4.19
C CAF B 44 11.45 26.89 -5.92
O CAF B 44 12.19 27.15 -6.80
SG CAF B 44 13.51 26.44 -2.41
AS CAF B 44 15.33 27.68 -1.95
CE1 CAF B 44 16.33 26.86 -0.48
CE2 CAF B 44 16.46 27.75 -3.54
O1 CAF B 44 14.84 29.33 -1.49
N CYS B 45 10.24 26.37 -6.11
CA CYS B 45 9.79 25.98 -7.45
C CYS B 45 8.47 26.63 -7.83
N ALA B 46 8.14 26.51 -9.12
CA ALA B 46 6.86 26.97 -9.65
C ALA B 46 6.42 25.99 -10.73
N VAL B 47 5.12 25.72 -10.78
CA VAL B 47 4.56 24.78 -11.75
C VAL B 47 4.05 25.56 -12.96
N PHE B 48 4.30 25.00 -14.15
CA PHE B 48 3.93 25.65 -15.40
C PHE B 48 3.12 24.68 -16.26
N ARG B 49 2.26 25.24 -17.10
CA ARG B 49 1.52 24.47 -18.11
C ARG B 49 2.21 24.64 -19.45
N LEU B 50 2.64 23.54 -20.04
CA LEU B 50 3.39 23.60 -21.29
C LEU B 50 2.47 23.97 -22.44
N LEU B 51 2.79 25.06 -23.12
CA LEU B 51 2.10 25.45 -24.35
C LEU B 51 2.75 24.78 -25.55
N HIS B 52 1.98 24.63 -26.62
CA HIS B 52 2.45 23.98 -27.84
C HIS B 52 2.21 24.90 -29.03
N GLU B 53 2.81 26.08 -28.97
CA GLU B 53 2.74 27.06 -30.06
C GLU B 53 4.12 27.70 -30.17
N HIS B 54 4.18 28.84 -30.85
CA HIS B 54 5.44 29.55 -31.05
C HIS B 54 5.66 30.64 -30.00
N LYS B 55 4.60 31.33 -29.60
CA LYS B 55 4.70 32.47 -28.69
C LYS B 55 4.55 31.97 -27.26
N GLY B 56 5.68 31.62 -26.64
CA GLY B 56 5.67 31.17 -25.27
C GLY B 56 5.73 29.66 -25.12
N LYS B 57 6.62 29.17 -24.27
CA LYS B 57 6.77 27.73 -24.07
C LYS B 57 5.92 27.20 -22.92
N LYS B 58 5.72 27.99 -21.87
CA LYS B 58 4.96 27.53 -20.72
C LYS B 58 4.37 28.72 -19.97
N ALA B 59 3.24 28.48 -19.32
CA ALA B 59 2.52 29.50 -18.56
C ALA B 59 2.46 29.09 -17.10
N ARG B 60 2.78 30.02 -16.21
CA ARG B 60 2.84 29.71 -14.79
C ARG B 60 1.44 29.50 -14.22
N LEU B 61 1.33 28.56 -13.30
CA LEU B 61 0.08 28.25 -12.62
C LEU B 61 0.29 28.36 -11.12
N ASP B 62 -0.79 28.71 -10.41
CA ASP B 62 -0.71 28.77 -8.95
C ASP B 62 -0.67 27.37 -8.36
N TRP B 63 0.10 27.21 -7.28
CA TRP B 63 0.24 25.90 -6.66
C TRP B 63 -1.08 25.36 -6.12
N ASN B 64 -2.06 26.22 -5.90
CA ASN B 64 -3.37 25.80 -5.39
C ASN B 64 -4.37 25.49 -6.49
N THR B 65 -3.96 25.53 -7.76
CA THR B 65 -4.87 25.23 -8.85
C THR B 65 -5.33 23.77 -8.77
N ASP B 66 -6.62 23.56 -9.00
CA ASP B 66 -7.18 22.21 -9.00
C ASP B 66 -6.58 21.43 -10.17
N ALA B 67 -5.99 20.27 -9.85
CA ALA B 67 -5.38 19.44 -10.88
C ALA B 67 -6.40 18.89 -11.88
N ALA B 68 -7.69 18.84 -11.49
CA ALA B 68 -8.71 18.32 -12.39
C ALA B 68 -8.92 19.24 -13.59
N SER B 69 -8.64 20.53 -13.44
CA SER B 69 -8.78 21.49 -14.53
C SER B 69 -7.59 21.46 -15.49
N LEU B 70 -6.66 20.52 -15.32
CA LEU B 70 -5.49 20.41 -16.18
C LEU B 70 -5.37 19.03 -16.82
N ILE B 71 -6.43 18.22 -16.79
CA ILE B 71 -6.38 16.92 -17.44
C ILE B 71 -6.24 17.12 -18.94
N GLY B 72 -5.40 16.30 -19.56
CA GLY B 72 -5.06 16.44 -20.96
C GLY B 72 -3.90 17.39 -21.23
N GLU B 73 -3.44 18.12 -20.22
CA GLU B 73 -2.32 19.02 -20.35
C GLU B 73 -1.03 18.35 -19.89
N GLU B 74 0.09 19.03 -20.14
CA GLU B 74 1.41 18.56 -19.72
C GLU B 74 2.06 19.66 -18.90
N LEU B 75 2.40 19.34 -17.66
CA LEU B 75 2.94 20.33 -16.73
C LEU B 75 4.45 20.22 -16.63
N GLN B 76 5.06 21.28 -16.08
CA GLN B 76 6.51 21.32 -15.90
C GLN B 76 6.82 22.15 -14.66
N VAL B 77 7.52 21.55 -13.70
CA VAL B 77 7.96 22.23 -12.50
C VAL B 77 9.40 22.69 -12.72
N ASP B 78 9.66 23.97 -12.45
CA ASP B 78 10.97 24.56 -12.63
C ASP B 78 11.35 25.40 -11.42
N PHE B 79 12.65 25.60 -11.26
CA PHE B 79 13.15 26.44 -10.18
C PHE B 79 12.76 27.89 -10.40
N LEU B 80 12.61 28.62 -9.30
CA LEU B 80 12.36 30.05 -9.39
C LEU B 80 13.63 30.77 -9.85
N ASP B 81 13.48 32.06 -10.13
CA ASP B 81 14.57 32.84 -10.70
C ASP B 81 15.67 33.07 -9.65
N HIS B 82 16.92 32.78 -10.05
CA HIS B 82 18.11 33.06 -9.25
C HIS B 82 18.11 32.33 -7.92
N VAL B 83 17.52 31.14 -7.88
CA VAL B 83 17.55 30.34 -6.64
C VAL B 83 18.96 29.80 -6.44
N PRO B 84 19.48 29.75 -5.21
CA PRO B 84 20.85 29.27 -4.95
C PRO B 84 20.97 27.74 -4.97
N LEU B 85 20.41 27.12 -6.00
CA LEU B 85 20.44 25.67 -6.15
C LEU B 85 21.01 25.30 -7.51
N THR B 86 21.89 24.30 -7.53
CA THR B 86 22.46 23.78 -8.76
C THR B 86 22.89 22.34 -8.50
N THR B 87 23.62 21.76 -9.44
CA THR B 87 24.12 20.40 -9.32
C THR B 87 25.56 20.41 -8.81
N HIS B 88 25.91 19.37 -8.07
CA HIS B 88 27.26 19.25 -7.53
C HIS B 88 28.27 19.00 -8.65
N ASN B 89 29.54 19.21 -8.31
CA ASN B 89 30.66 18.98 -9.24
C ASN B 89 31.74 18.26 -8.44
N PHE B 90 31.63 16.94 -8.35
CA PHE B 90 32.52 16.15 -7.52
C PHE B 90 33.89 16.00 -8.16
N ALA B 91 34.90 15.79 -7.32
CA ALA B 91 36.27 15.60 -7.78
C ALA B 91 37.06 14.92 -6.68
N ARG B 92 37.97 14.03 -7.07
CA ARG B 92 38.83 13.35 -6.12
C ARG B 92 39.75 14.35 -5.43
N LYS B 93 40.05 14.08 -4.16
CA LYS B 93 40.92 14.97 -3.41
C LYS B 93 41.58 14.21 -2.27
N THR B 94 42.86 14.45 -2.07
CA THR B 94 43.60 13.96 -0.91
C THR B 94 43.74 15.11 0.08
N PHE B 95 43.20 14.91 1.29
CA PHE B 95 43.07 15.99 2.26
C PHE B 95 44.32 16.04 3.13
N LEU B 96 45.28 16.87 2.70
CA LEU B 96 46.50 17.03 3.48
C LEU B 96 46.24 17.72 4.81
N LYS B 97 45.44 18.79 4.79
CA LYS B 97 44.96 19.39 6.02
C LYS B 97 43.84 18.53 6.60
N LEU B 98 43.87 18.34 7.92
CA LEU B 98 42.97 17.42 8.59
C LEU B 98 41.52 17.72 8.26
N ALA B 99 40.83 16.72 7.71
CA ALA B 99 39.44 16.87 7.28
C ALA B 99 38.64 15.67 7.75
N PHE B 100 37.36 15.89 7.99
CA PHE B 100 36.43 14.85 8.41
C PHE B 100 35.24 14.82 7.46
N CYS B 101 34.71 13.62 7.25
CA CYS B 101 33.57 13.45 6.34
C CYS B 101 32.36 14.20 6.88
N ASP B 102 31.68 14.92 5.99
CA ASP B 102 30.50 15.68 6.38
C ASP B 102 29.28 14.81 6.61
N ILE B 103 29.36 13.50 6.38
CA ILE B 103 28.25 12.59 6.58
C ILE B 103 28.39 11.81 7.88
N CYS B 104 29.53 11.16 8.09
CA CYS B 104 29.75 10.31 9.25
C CYS B 104 30.69 10.92 10.28
N GLN B 105 31.23 12.11 10.03
CA GLN B 105 32.12 12.80 10.97
C GLN B 105 33.33 11.93 11.34
N LYS B 106 33.86 11.20 10.36
CA LYS B 106 35.02 10.36 10.57
C LYS B 106 36.19 10.86 9.72
N PHE B 107 37.38 10.38 10.05
CA PHE B 107 38.61 10.82 9.39
C PHE B 107 38.52 10.60 7.89
N LEU B 108 38.78 11.65 7.13
CA LEU B 108 38.70 11.62 5.67
C LEU B 108 40.09 11.92 5.10
N LEU B 109 40.77 10.88 4.63
CA LEU B 109 42.08 11.02 4.00
C LEU B 109 41.96 11.10 2.49
N ASN B 110 41.37 10.08 1.87
CA ASN B 110 41.17 10.04 0.42
C ASN B 110 39.67 9.94 0.17
N GLY B 111 39.08 11.05 -0.27
CA GLY B 111 37.65 11.09 -0.54
C GLY B 111 37.31 11.94 -1.73
N PHE B 112 36.18 12.63 -1.67
CA PHE B 112 35.71 13.46 -2.77
C PHE B 112 35.20 14.78 -2.22
N ARG B 113 35.16 15.78 -3.09
CA ARG B 113 34.75 17.12 -2.69
C ARG B 113 34.05 17.80 -3.85
N CYS B 114 33.00 18.55 -3.54
CA CYS B 114 32.33 19.36 -4.56
C CYS B 114 33.10 20.65 -4.76
N GLN B 115 33.48 20.94 -6.01
CA GLN B 115 34.26 22.13 -6.31
C GLN B 115 33.50 23.42 -6.05
N THR B 116 32.18 23.36 -5.86
CA THR B 116 31.37 24.54 -5.65
C THR B 116 31.08 24.78 -4.16
N CYS B 117 30.38 23.86 -3.51
CA CYS B 117 29.99 24.05 -2.12
C CYS B 117 30.98 23.47 -1.12
N GLY B 118 31.93 22.65 -1.57
CA GLY B 118 32.93 22.12 -0.67
C GLY B 118 32.52 20.92 0.15
N TYR B 119 31.43 20.25 -0.22
CA TYR B 119 30.98 19.07 0.49
C TYR B 119 32.00 17.95 0.34
N LYS B 120 32.57 17.50 1.45
CA LYS B 120 33.58 16.45 1.47
C LYS B 120 33.01 15.19 2.11
N PHE B 121 33.31 14.03 1.52
CA PHE B 121 32.66 12.80 1.94
C PHE B 121 33.50 11.60 1.52
N HIS B 122 33.21 10.46 2.15
CA HIS B 122 33.80 9.19 1.78
C HIS B 122 33.16 8.65 0.51
N GLU B 123 33.76 7.58 -0.03
CA GLU B 123 33.19 6.93 -1.20
C GLU B 123 31.86 6.28 -0.86
N HIS B 124 31.80 5.54 0.25
CA HIS B 124 30.59 4.84 0.66
C HIS B 124 29.55 5.76 1.27
N CYS B 125 29.87 7.04 1.48
CA CYS B 125 28.92 8.02 2.00
C CYS B 125 28.27 8.85 0.91
N SER B 126 28.51 8.52 -0.37
CA SER B 126 28.09 9.37 -1.46
C SER B 126 26.58 9.46 -1.58
N THR B 127 25.85 8.39 -1.22
CA THR B 127 24.40 8.41 -1.36
C THR B 127 23.74 9.37 -0.38
N LYS B 128 24.34 9.56 0.79
CA LYS B 128 23.78 10.45 1.80
C LYS B 128 24.08 11.92 1.53
N VAL B 129 24.83 12.24 0.49
CA VAL B 129 25.09 13.63 0.14
C VAL B 129 23.81 14.27 -0.38
N PRO B 130 23.46 15.48 0.06
CA PRO B 130 22.24 16.12 -0.44
C PRO B 130 22.26 16.26 -1.95
N THR B 131 21.08 16.07 -2.55
CA THR B 131 20.99 16.05 -4.01
C THR B 131 21.32 17.42 -4.61
N MET B 132 20.85 18.50 -4.00
CA MET B 132 21.01 19.83 -4.56
C MET B 132 22.20 20.55 -3.94
N CYS B 133 22.94 21.28 -4.77
CA CYS B 133 24.10 22.04 -4.34
C CYS B 133 23.66 23.45 -3.97
N VAL B 134 24.00 23.88 -2.77
CA VAL B 134 23.61 25.19 -2.25
C VAL B 134 24.82 26.10 -2.30
N ASP B 135 24.70 27.21 -3.04
CA ASP B 135 25.78 28.17 -3.20
C ASP B 135 25.23 29.57 -2.96
N TRP B 136 25.59 30.17 -1.83
CA TRP B 136 25.25 31.56 -1.54
C TRP B 136 26.48 32.43 -1.67
N SER B 137 27.11 32.40 -2.85
CA SER B 137 28.36 33.12 -3.12
C SER B 137 29.45 32.74 -2.12
N MET C 2 -24.43 20.11 21.37
CA MET C 2 -23.94 18.83 20.90
C MET C 2 -24.48 18.50 19.51
N THR C 3 -23.61 18.54 18.50
CA THR C 3 -24.01 18.31 17.13
C THR C 3 -24.21 16.82 16.88
N GLU C 4 -25.25 16.48 16.12
CA GLU C 4 -25.61 15.10 15.84
C GLU C 4 -25.24 14.77 14.39
N TYR C 5 -24.68 13.58 14.20
CA TYR C 5 -24.31 13.07 12.88
C TYR C 5 -24.96 11.72 12.67
N LYS C 6 -25.69 11.59 11.55
CA LYS C 6 -26.38 10.35 11.22
C LYS C 6 -25.54 9.57 10.20
N LEU C 7 -24.92 8.49 10.65
CA LEU C 7 -24.07 7.65 9.82
C LEU C 7 -24.80 6.38 9.42
N VAL C 8 -24.61 5.96 8.18
CA VAL C 8 -25.20 4.74 7.66
C VAL C 8 -24.07 3.84 7.15
N VAL C 9 -24.05 2.60 7.62
CA VAL C 9 -23.02 1.63 7.24
C VAL C 9 -23.64 0.69 6.21
N VAL C 10 -23.19 0.78 4.97
CA VAL C 10 -23.69 -0.05 3.88
C VAL C 10 -22.59 -0.98 3.39
N GLY C 11 -23.00 -2.03 2.71
CA GLY C 11 -22.07 -3.01 2.18
C GLY C 11 -22.72 -4.37 2.08
N ALA C 12 -22.03 -5.27 1.38
CA ALA C 12 -22.52 -6.62 1.21
C ALA C 12 -22.47 -7.39 2.53
N GLY C 13 -23.12 -8.55 2.55
CA GLY C 13 -23.23 -9.31 3.78
C GLY C 13 -21.93 -10.01 4.14
N GLY C 14 -21.60 -9.98 5.44
CA GLY C 14 -20.43 -10.66 5.96
C GLY C 14 -19.14 -9.87 5.92
N VAL C 15 -19.18 -8.60 5.50
CA VAL C 15 -17.96 -7.81 5.40
C VAL C 15 -17.51 -7.27 6.76
N GLY C 16 -18.41 -7.21 7.74
CA GLY C 16 -18.03 -6.72 9.05
C GLY C 16 -18.61 -5.37 9.40
N LYS C 17 -19.78 -5.06 8.83
CA LYS C 17 -20.45 -3.80 9.15
C LYS C 17 -20.81 -3.73 10.63
N SER C 18 -21.39 -4.80 11.16
CA SER C 18 -21.76 -4.84 12.57
C SER C 18 -20.53 -4.88 13.46
N ALA C 19 -19.51 -5.64 13.05
CA ALA C 19 -18.31 -5.76 13.88
C ALA C 19 -17.57 -4.43 13.98
N LEU C 20 -17.56 -3.65 12.90
CA LEU C 20 -16.94 -2.32 12.95
C LEU C 20 -17.69 -1.39 13.88
N THR C 21 -19.03 -1.44 13.83
CA THR C 21 -19.84 -0.52 14.64
C THR C 21 -19.74 -0.87 16.12
N ILE C 22 -19.89 -2.15 16.47
CA ILE C 22 -19.82 -2.54 17.87
C ILE C 22 -18.42 -2.35 18.43
N GLN C 23 -17.39 -2.51 17.60
CA GLN C 23 -16.03 -2.22 18.05
C GLN C 23 -15.87 -0.74 18.36
N LEU C 24 -16.53 0.12 17.58
CA LEU C 24 -16.45 1.55 17.84
C LEU C 24 -17.14 1.93 19.14
N ILE C 25 -18.38 1.48 19.32
CA ILE C 25 -19.19 1.93 20.44
C ILE C 25 -19.00 1.12 21.72
N GLN C 26 -18.43 -0.09 21.62
CA GLN C 26 -18.26 -0.95 22.79
C GLN C 26 -16.86 -1.48 23.00
N ASN C 27 -15.93 -1.26 22.07
CA ASN C 27 -14.56 -1.78 22.16
C ASN C 27 -14.57 -3.28 22.40
N HIS C 28 -15.39 -3.98 21.61
CA HIS C 28 -15.58 -5.41 21.75
C HIS C 28 -15.77 -6.01 20.36
N PHE C 29 -14.98 -7.03 20.05
CA PHE C 29 -15.04 -7.68 18.75
C PHE C 29 -16.09 -8.80 18.78
N VAL C 30 -17.09 -8.67 17.93
CA VAL C 30 -18.13 -9.70 17.81
C VAL C 30 -17.56 -10.83 16.96
N ASP C 31 -17.35 -11.99 17.56
CA ASP C 31 -16.78 -13.12 16.83
C ASP C 31 -17.84 -13.90 16.07
N GLU C 32 -19.05 -14.01 16.61
CA GLU C 32 -20.11 -14.76 15.95
C GLU C 32 -20.65 -13.98 14.75
N TYR C 33 -21.29 -14.72 13.85
CA TYR C 33 -21.93 -14.15 12.66
C TYR C 33 -23.43 -14.14 12.90
N ASP C 34 -23.96 -12.95 13.19
CA ASP C 34 -25.40 -12.74 13.34
C ASP C 34 -25.87 -11.78 12.26
N PRO C 35 -26.40 -12.28 11.14
CA PRO C 35 -26.83 -11.39 10.05
C PRO C 35 -27.91 -10.42 10.53
N THR C 36 -27.61 -9.13 10.42
CA THR C 36 -28.52 -8.11 10.93
C THR C 36 -29.60 -7.80 9.91
N ILE C 37 -30.75 -7.36 10.42
CA ILE C 37 -31.86 -6.89 9.59
C ILE C 37 -31.94 -5.37 9.61
N GLU C 38 -31.90 -4.78 10.81
CA GLU C 38 -32.00 -3.34 11.00
C GLU C 38 -31.61 -2.99 12.44
N ASP C 39 -30.49 -2.29 12.62
CA ASP C 39 -30.01 -1.92 13.94
C ASP C 39 -29.57 -0.46 13.91
N SER C 40 -29.99 0.30 14.92
CA SER C 40 -29.60 1.69 15.07
C SER C 40 -28.96 1.87 16.44
N TYR C 41 -27.83 2.56 16.48
CA TYR C 41 -27.08 2.79 17.71
C TYR C 41 -26.86 4.28 17.90
N ARG C 42 -26.75 4.70 19.16
CA ARG C 42 -26.47 6.08 19.50
C ARG C 42 -25.35 6.12 20.54
N LYS C 43 -24.30 6.87 20.24
CA LYS C 43 -23.11 6.91 21.08
C LYS C 43 -22.53 8.31 21.05
N GLN C 44 -22.14 8.81 22.22
CA GLN C 44 -21.47 10.10 22.34
C GLN C 44 -19.96 9.90 22.26
N VAL C 45 -19.32 10.61 21.35
CA VAL C 45 -17.86 10.57 21.18
C VAL C 45 -17.35 12.00 21.14
N VAL C 46 -16.03 12.13 21.26
CA VAL C 46 -15.35 13.41 21.16
C VAL C 46 -14.50 13.39 19.91
N ILE C 47 -14.84 14.23 18.93
CA ILE C 47 -14.12 14.33 17.67
C ILE C 47 -13.69 15.77 17.48
N ASP C 48 -12.40 15.98 17.21
CA ASP C 48 -11.84 17.29 16.92
C ASP C 48 -12.14 18.28 18.06
N GLY C 49 -12.10 17.79 19.29
CA GLY C 49 -12.28 18.62 20.46
C GLY C 49 -13.71 18.98 20.80
N GLU C 50 -14.69 18.48 20.05
CA GLU C 50 -16.10 18.78 20.30
C GLU C 50 -16.85 17.47 20.55
N THR C 51 -17.80 17.53 21.48
CA THR C 51 -18.63 16.36 21.76
C THR C 51 -19.63 16.15 20.63
N CYS C 52 -19.71 14.93 20.13
CA CYS C 52 -20.56 14.59 19.01
C CYS C 52 -21.50 13.44 19.40
N LEU C 53 -22.73 13.51 18.92
CA LEU C 53 -23.70 12.44 19.09
C LEU C 53 -23.78 11.68 17.77
N LEU C 54 -23.34 10.42 17.79
CA LEU C 54 -23.38 9.58 16.60
C LEU C 54 -24.66 8.76 16.59
N ASP C 55 -25.36 8.78 15.45
CA ASP C 55 -26.57 8.01 15.25
C ASP C 55 -26.29 7.04 14.11
N ILE C 56 -25.73 5.89 14.45
CA ILE C 56 -25.27 4.91 13.47
C ILE C 56 -26.40 3.98 13.11
N LEU C 57 -26.58 3.73 11.82
CA LEU C 57 -27.56 2.76 11.32
C LEU C 57 -26.81 1.64 10.62
N ASP C 58 -26.88 0.44 11.18
CA ASP C 58 -26.26 -0.74 10.58
C ASP C 58 -27.30 -1.44 9.71
N THR C 59 -26.99 -1.60 8.43
CA THR C 59 -27.92 -2.16 7.46
C THR C 59 -27.63 -3.65 7.23
N ALA C 60 -28.53 -4.28 6.49
CA ALA C 60 -28.39 -5.69 6.14
C ALA C 60 -27.57 -5.83 4.86
N GLY C 61 -27.01 -7.02 4.68
CA GLY C 61 -26.25 -7.31 3.47
C GLY C 61 -27.08 -7.17 2.21
N GLN C 62 -28.39 -7.46 2.30
CA GLN C 62 -29.28 -7.28 1.17
C GLN C 62 -30.57 -6.57 1.60
N ALA C 67 -37.22 -1.36 -1.79
CA ALA C 67 -37.80 -1.45 -0.45
C ALA C 67 -37.73 -0.12 0.27
N MET C 68 -37.74 -0.16 1.61
CA MET C 68 -37.55 1.04 2.42
C MET C 68 -36.09 1.48 2.47
N ARG C 69 -35.26 0.83 1.65
CA ARG C 69 -33.85 1.18 1.58
C ARG C 69 -33.66 2.64 1.21
N ASP C 70 -34.49 3.15 0.30
CA ASP C 70 -34.39 4.54 -0.12
C ASP C 70 -34.70 5.52 1.00
N GLN C 71 -35.42 5.09 2.03
CA GLN C 71 -35.76 6.00 3.12
C GLN C 71 -34.56 6.28 4.02
N TYR C 72 -33.80 5.24 4.38
CA TYR C 72 -32.66 5.48 5.26
C TYR C 72 -31.49 6.13 4.52
N MET C 73 -31.36 5.88 3.22
CA MET C 73 -30.37 6.59 2.44
C MET C 73 -30.72 8.07 2.29
N ARG C 74 -32.01 8.40 2.35
CA ARG C 74 -32.44 9.79 2.20
C ARG C 74 -32.23 10.60 3.46
N THR C 75 -32.39 9.99 4.63
CA THR C 75 -32.18 10.68 5.89
C THR C 75 -30.77 10.54 6.43
N GLY C 76 -29.96 9.65 5.86
CA GLY C 76 -28.58 9.50 6.30
C GLY C 76 -27.71 10.63 5.77
N GLU C 77 -26.79 11.09 6.63
CA GLU C 77 -25.90 12.20 6.27
C GLU C 77 -24.53 11.73 5.79
N GLY C 78 -24.03 10.63 6.32
CA GLY C 78 -22.77 10.08 5.85
C GLY C 78 -22.89 8.58 5.70
N PHE C 79 -22.13 8.03 4.75
CA PHE C 79 -22.24 6.64 4.39
C PHE C 79 -20.88 5.96 4.44
N LEU C 80 -20.78 4.88 5.20
CA LEU C 80 -19.56 4.10 5.34
C LEU C 80 -19.72 2.86 4.48
N CYS C 81 -19.10 2.87 3.29
CA CYS C 81 -19.18 1.77 2.35
C CYS C 81 -18.09 0.75 2.68
N VAL C 82 -18.49 -0.40 3.18
CA VAL C 82 -17.57 -1.40 3.72
C VAL C 82 -17.55 -2.60 2.79
N PHE C 83 -16.34 -3.07 2.46
CA PHE C 83 -16.13 -4.36 1.82
C PHE C 83 -15.02 -5.09 2.55
N ALA C 84 -14.88 -6.37 2.26
CA ALA C 84 -13.83 -7.20 2.84
C ALA C 84 -12.75 -7.44 1.80
N ILE C 85 -11.48 -7.28 2.21
CA ILE C 85 -10.37 -7.44 1.29
C ILE C 85 -10.18 -8.88 0.82
N ASN C 86 -10.80 -9.84 1.49
CA ASN C 86 -10.75 -11.24 1.10
C ASN C 86 -12.04 -11.69 0.40
N ASN C 87 -12.83 -10.73 -0.11
CA ASN C 87 -14.12 -11.02 -0.73
C ASN C 87 -14.27 -10.08 -1.94
N THR C 88 -13.86 -10.57 -3.11
CA THR C 88 -13.92 -9.76 -4.31
C THR C 88 -15.35 -9.38 -4.67
N LYS C 89 -16.31 -10.27 -4.41
CA LYS C 89 -17.70 -9.98 -4.73
C LYS C 89 -18.20 -8.76 -3.96
N SER C 90 -17.78 -8.61 -2.70
CA SER C 90 -18.19 -7.45 -1.93
C SER C 90 -17.58 -6.17 -2.46
N PHE C 91 -16.37 -6.23 -2.99
CA PHE C 91 -15.77 -5.04 -3.61
C PHE C 91 -16.44 -4.71 -4.93
N GLU C 92 -16.88 -5.72 -5.68
CA GLU C 92 -17.58 -5.47 -6.94
C GLU C 92 -18.99 -4.96 -6.72
N ASP C 93 -19.54 -5.07 -5.51
CA ASP C 93 -20.85 -4.54 -5.19
C ASP C 93 -20.79 -3.12 -4.62
N ILE C 94 -19.60 -2.56 -4.47
CA ILE C 94 -19.47 -1.22 -3.89
C ILE C 94 -20.12 -0.18 -4.79
N HIS C 95 -19.91 -0.30 -6.11
CA HIS C 95 -20.48 0.69 -7.02
C HIS C 95 -22.00 0.63 -7.06
N HIS C 96 -22.60 -0.49 -6.69
CA HIS C 96 -24.06 -0.57 -6.61
C HIS C 96 -24.59 0.34 -5.52
N TYR C 97 -23.96 0.33 -4.33
CA TYR C 97 -24.40 1.21 -3.26
C TYR C 97 -24.14 2.67 -3.60
N ARG C 98 -23.02 2.95 -4.27
CA ARG C 98 -22.73 4.33 -4.69
C ARG C 98 -23.82 4.86 -5.60
N GLU C 99 -24.29 4.06 -6.55
CA GLU C 99 -25.33 4.51 -7.46
C GLU C 99 -26.69 4.61 -6.76
N GLN C 100 -26.92 3.79 -5.73
CA GLN C 100 -28.18 3.86 -5.01
C GLN C 100 -28.24 5.12 -4.14
N ILE C 101 -27.13 5.47 -3.50
CA ILE C 101 -27.11 6.65 -2.65
C ILE C 101 -27.25 7.91 -3.49
N LYS C 102 -26.57 7.97 -4.63
CA LYS C 102 -26.66 9.15 -5.50
C LYS C 102 -28.05 9.26 -6.13
N ARG C 103 -28.72 8.15 -6.38
CA ARG C 103 -30.04 8.20 -6.98
C ARG C 103 -31.07 8.72 -5.99
N VAL C 104 -30.93 8.35 -4.71
CA VAL C 104 -31.88 8.79 -3.69
C VAL C 104 -31.64 10.24 -3.31
N LYS C 105 -30.39 10.58 -2.98
CA LYS C 105 -30.07 11.95 -2.57
C LYS C 105 -30.17 12.95 -3.70
N ASP C 106 -30.13 12.48 -4.96
CA ASP C 106 -30.15 13.35 -6.12
C ASP C 106 -29.03 14.38 -6.07
N SER C 107 -27.88 13.98 -5.55
CA SER C 107 -26.73 14.86 -5.40
C SER C 107 -25.45 14.04 -5.54
N GLU C 108 -24.43 14.67 -6.12
CA GLU C 108 -23.13 14.03 -6.29
C GLU C 108 -22.19 14.28 -5.13
N ASP C 109 -22.45 15.32 -4.33
CA ASP C 109 -21.62 15.65 -3.17
C ASP C 109 -22.29 15.03 -1.94
N VAL C 110 -21.92 13.78 -1.64
CA VAL C 110 -22.45 13.06 -0.49
C VAL C 110 -21.27 12.56 0.33
N PRO C 111 -21.19 12.89 1.62
CA PRO C 111 -20.05 12.40 2.44
C PRO C 111 -20.02 10.89 2.50
N MET C 112 -18.90 10.32 2.04
CA MET C 112 -18.71 8.88 2.01
C MET C 112 -17.27 8.54 2.32
N VAL C 113 -17.06 7.33 2.84
CA VAL C 113 -15.72 6.80 3.12
C VAL C 113 -15.71 5.35 2.68
N LEU C 114 -14.71 4.97 1.87
CA LEU C 114 -14.53 3.59 1.45
C LEU C 114 -13.70 2.86 2.49
N VAL C 115 -14.22 1.75 2.99
CA VAL C 115 -13.60 0.99 4.08
C VAL C 115 -13.29 -0.41 3.57
N GLY C 116 -12.02 -0.79 3.63
CA GLY C 116 -11.61 -2.14 3.34
C GLY C 116 -11.34 -2.93 4.61
N ASN C 117 -12.31 -3.73 5.04
CA ASN C 117 -12.23 -4.38 6.34
C ASN C 117 -11.43 -5.68 6.24
N LYS C 118 -11.12 -6.24 7.42
CA LYS C 118 -10.43 -7.53 7.56
C LYS C 118 -9.00 -7.47 7.03
N CYS C 119 -8.30 -6.37 7.32
CA CYS C 119 -6.91 -6.26 6.91
C CYS C 119 -5.97 -7.11 7.75
N ASP C 120 -6.47 -7.76 8.80
CA ASP C 120 -5.66 -8.65 9.61
C ASP C 120 -5.52 -10.04 9.01
N LEU C 121 -6.40 -10.39 8.07
CA LEU C 121 -6.36 -11.70 7.43
C LEU C 121 -5.27 -11.75 6.37
N PRO C 122 -4.71 -12.93 6.10
CA PRO C 122 -3.63 -13.04 5.12
C PRO C 122 -4.06 -13.38 3.69
N SER C 123 -5.29 -13.84 3.49
CA SER C 123 -5.74 -14.26 2.16
C SER C 123 -6.45 -13.10 1.46
N ARG C 124 -5.68 -12.08 1.12
CA ARG C 124 -6.20 -10.90 0.46
C ARG C 124 -6.44 -11.18 -1.02
N THR C 125 -7.62 -10.80 -1.51
CA THR C 125 -7.96 -10.92 -2.92
C THR C 125 -8.32 -9.59 -3.57
N VAL C 126 -8.33 -8.50 -2.81
CA VAL C 126 -8.58 -7.17 -3.33
C VAL C 126 -7.33 -6.34 -3.03
N ASP C 127 -6.52 -6.10 -4.04
CA ASP C 127 -5.27 -5.39 -3.83
C ASP C 127 -5.52 -3.91 -3.54
N THR C 128 -4.52 -3.28 -2.93
CA THR C 128 -4.68 -1.89 -2.48
C THR C 128 -4.88 -0.94 -3.66
N LYS C 129 -4.25 -1.23 -4.80
CA LYS C 129 -4.35 -0.33 -5.95
C LYS C 129 -5.79 -0.28 -6.50
N GLN C 130 -6.51 -1.40 -6.43
CA GLN C 130 -7.89 -1.40 -6.91
C GLN C 130 -8.77 -0.48 -6.08
N ALA C 131 -8.65 -0.55 -4.76
CA ALA C 131 -9.50 0.25 -3.89
C ALA C 131 -9.11 1.72 -3.90
N GLN C 132 -7.80 2.01 -4.05
CA GLN C 132 -7.38 3.41 -4.13
C GLN C 132 -7.89 4.06 -5.41
N ASP C 133 -7.88 3.33 -6.53
CA ASP C 133 -8.37 3.89 -7.78
C ASP C 133 -9.88 4.08 -7.75
N LEU C 134 -10.61 3.15 -7.14
CA LEU C 134 -12.05 3.30 -7.02
C LEU C 134 -12.41 4.49 -6.14
N ALA C 135 -11.74 4.63 -5.00
CA ALA C 135 -12.01 5.74 -4.10
C ALA C 135 -11.61 7.06 -4.71
N ARG C 136 -10.57 7.08 -5.55
CA ARG C 136 -10.15 8.33 -6.18
C ARG C 136 -11.13 8.76 -7.25
N SER C 137 -11.76 7.82 -7.96
CA SER C 137 -12.76 8.18 -8.96
C SER C 137 -14.03 8.72 -8.32
N TYR C 138 -14.34 8.31 -7.09
CA TYR C 138 -15.49 8.82 -6.37
C TYR C 138 -15.20 10.09 -5.59
N GLY C 139 -13.93 10.41 -5.38
CA GLY C 139 -13.57 11.56 -4.56
C GLY C 139 -13.74 11.33 -3.08
N ILE C 140 -13.46 10.12 -2.60
CA ILE C 140 -13.67 9.76 -1.20
C ILE C 140 -12.41 9.10 -0.68
N PRO C 141 -12.19 9.14 0.63
CA PRO C 141 -11.01 8.47 1.21
C PRO C 141 -11.20 6.96 1.21
N PHE C 142 -10.05 6.27 1.24
CA PHE C 142 -10.02 4.81 1.40
C PHE C 142 -9.20 4.48 2.63
N ILE C 143 -9.77 3.64 3.50
CA ILE C 143 -9.15 3.28 4.77
C ILE C 143 -9.26 1.78 4.96
N GLU C 144 -8.13 1.12 5.23
CA GLU C 144 -8.11 -0.30 5.55
C GLU C 144 -8.28 -0.47 7.06
N THR C 145 -9.31 -1.20 7.45
CA THR C 145 -9.63 -1.39 8.86
C THR C 145 -9.58 -2.86 9.23
N SER C 146 -9.59 -3.12 10.54
CA SER C 146 -9.68 -4.46 11.10
C SER C 146 -10.54 -4.38 12.34
N ALA C 147 -11.80 -4.82 12.24
CA ALA C 147 -12.67 -4.87 13.40
C ALA C 147 -12.15 -5.82 14.47
N LYS C 148 -11.33 -6.81 14.07
CA LYS C 148 -10.79 -7.76 15.04
C LYS C 148 -9.74 -7.09 15.94
N THR C 149 -8.79 -6.37 15.34
CA THR C 149 -7.73 -5.71 16.09
C THR C 149 -8.06 -4.25 16.41
N ARG C 150 -9.22 -3.77 16.00
CA ARG C 150 -9.60 -2.36 16.18
C ARG C 150 -8.53 -1.44 15.57
N GLN C 151 -8.23 -1.69 14.30
CA GLN C 151 -7.21 -0.93 13.57
C GLN C 151 -7.90 0.04 12.62
N ARG C 152 -7.64 1.33 12.82
CA ARG C 152 -8.21 2.40 12.01
C ARG C 152 -9.75 2.36 12.02
N VAL C 153 -10.33 1.82 13.09
CA VAL C 153 -11.79 1.80 13.21
C VAL C 153 -12.31 3.19 13.55
N GLU C 154 -11.74 3.81 14.57
CA GLU C 154 -12.07 5.21 14.86
C GLU C 154 -11.68 6.11 13.68
N ASP C 155 -10.53 5.81 13.06
CA ASP C 155 -10.07 6.63 11.94
C ASP C 155 -11.05 6.57 10.77
N ALA C 156 -11.84 5.50 10.66
CA ALA C 156 -12.82 5.39 9.59
C ALA C 156 -14.07 6.19 9.90
N PHE C 157 -14.62 6.03 11.11
CA PHE C 157 -15.83 6.76 11.47
C PHE C 157 -15.56 8.24 11.64
N TYR C 158 -14.40 8.60 12.22
CA TYR C 158 -14.11 10.00 12.45
C TYR C 158 -13.87 10.75 11.14
N THR C 159 -13.27 10.08 10.15
CA THR C 159 -13.10 10.71 8.85
C THR C 159 -14.45 11.00 8.20
N LEU C 160 -15.40 10.08 8.36
CA LEU C 160 -16.75 10.33 7.84
C LEU C 160 -17.41 11.51 8.54
N VAL C 161 -17.25 11.59 9.87
CA VAL C 161 -17.82 12.71 10.61
C VAL C 161 -17.17 14.02 10.18
N ARG C 162 -15.85 14.02 9.99
CA ARG C 162 -15.16 15.23 9.56
C ARG C 162 -15.62 15.67 8.18
N GLU C 163 -15.93 14.71 7.29
CA GLU C 163 -16.41 15.08 5.97
C GLU C 163 -17.84 15.63 6.02
N ILE C 164 -18.67 15.12 6.93
CA ILE C 164 -20.00 15.70 7.12
C ILE C 164 -19.87 17.10 7.68
N ARG C 165 -18.99 17.28 8.68
CA ARG C 165 -18.81 18.60 9.27
C ARG C 165 -18.23 19.59 8.26
N GLN C 166 -17.35 19.11 7.37
CA GLN C 166 -16.82 19.99 6.33
C GLN C 166 -17.87 20.32 5.29
N TYR C 167 -18.72 19.33 4.95
CA TYR C 167 -19.81 19.58 4.00
C TYR C 167 -20.78 20.63 4.51
N ARG C 168 -21.01 20.65 5.83
CA ARG C 168 -21.92 21.64 6.40
C ARG C 168 -21.29 23.02 6.48
N LEU C 169 -19.99 23.09 6.76
CA LEU C 169 -19.31 24.37 6.82
C LEU C 169 -19.18 25.01 5.44
N LYS C 170 -19.12 24.20 4.38
CA LYS C 170 -19.08 24.75 3.03
C LYS C 170 -20.43 25.33 2.62
N LYS C 171 -21.53 24.77 3.13
CA LYS C 171 -22.85 25.31 2.79
C LYS C 171 -23.10 26.65 3.45
N ILE C 172 -22.61 26.82 4.69
CA ILE C 172 -22.79 28.10 5.38
C ILE C 172 -21.97 29.20 4.71
N SER C 173 -20.82 28.85 4.15
CA SER C 173 -19.95 29.84 3.50
C SER C 173 -20.44 30.24 2.12
N LYS C 174 -21.52 29.65 1.63
CA LYS C 174 -22.10 30.02 0.33
C LYS C 174 -23.25 31.01 0.52
N GLU C 175 -22.98 32.10 1.24
CA GLU C 175 -24.01 33.09 1.54
C GLU C 175 -23.66 34.45 0.93
N ASN D 5 -40.84 -14.04 9.36
CA ASN D 5 -41.45 -13.49 10.56
C ASN D 5 -40.45 -12.69 11.39
N THR D 6 -40.57 -11.37 11.35
CA THR D 6 -39.72 -10.47 12.09
C THR D 6 -40.56 -9.57 12.98
N ILE D 7 -39.92 -9.00 14.00
CA ILE D 7 -40.57 -8.08 14.94
C ILE D 7 -39.63 -6.89 15.14
N ARG D 8 -40.15 -5.69 14.89
CA ARG D 8 -39.41 -4.46 15.11
C ARG D 8 -39.55 -4.04 16.57
N VAL D 9 -38.42 -3.89 17.26
CA VAL D 9 -38.41 -3.54 18.67
C VAL D 9 -37.74 -2.19 18.82
N PHE D 10 -38.43 -1.25 19.48
CA PHE D 10 -37.84 0.05 19.80
C PHE D 10 -37.13 -0.03 21.14
N LEU D 11 -35.90 0.46 21.17
CA LEU D 11 -35.03 0.38 22.33
C LEU D 11 -34.89 1.73 23.00
N PRO D 12 -34.44 1.78 24.26
CA PRO D 12 -34.26 3.06 24.93
C PRO D 12 -33.26 3.96 24.22
N ASN D 13 -33.35 5.26 24.53
CA ASN D 13 -32.47 6.28 23.96
C ASN D 13 -32.55 6.31 22.43
N LYS D 14 -33.78 6.27 21.92
CA LYS D 14 -34.06 6.48 20.49
C LYS D 14 -33.30 5.48 19.61
N GLN D 15 -33.26 4.23 20.05
CA GLN D 15 -32.63 3.15 19.29
C GLN D 15 -33.68 2.08 18.97
N ARG D 16 -33.35 1.20 18.04
CA ARG D 16 -34.30 0.18 17.62
C ARG D 16 -33.53 -0.98 16.99
N THR D 17 -34.23 -2.11 16.88
CA THR D 17 -33.67 -3.30 16.25
C THR D 17 -34.81 -4.16 15.73
N VAL D 18 -34.49 -5.00 14.75
CA VAL D 18 -35.44 -5.95 14.18
C VAL D 18 -34.88 -7.34 14.41
N VAL D 19 -35.65 -8.19 15.07
CA VAL D 19 -35.22 -9.54 15.44
C VAL D 19 -36.01 -10.56 14.65
N ASN D 20 -35.42 -11.74 14.52
CA ASN D 20 -36.08 -12.88 13.89
C ASN D 20 -36.90 -13.64 14.92
N VAL D 21 -37.97 -14.27 14.45
CA VAL D 21 -38.92 -14.98 15.32
C VAL D 21 -38.63 -16.47 15.24
N ARG D 22 -38.22 -17.04 16.36
CA ARG D 22 -38.05 -18.48 16.52
C ARG D 22 -39.13 -18.97 17.47
N ASN D 23 -39.92 -19.95 17.02
CA ASN D 23 -41.03 -20.44 17.84
C ASN D 23 -40.51 -21.03 19.15
N GLY D 24 -41.11 -20.59 20.26
CA GLY D 24 -40.70 -21.01 21.58
C GLY D 24 -39.64 -20.15 22.23
N MET D 25 -38.99 -19.27 21.47
CA MET D 25 -37.91 -18.45 22.00
C MET D 25 -38.49 -17.24 22.75
N SER D 26 -38.01 -17.04 23.98
CA SER D 26 -38.52 -15.95 24.81
C SER D 26 -38.04 -14.60 24.27
N LEU D 27 -38.78 -13.55 24.66
CA LEU D 27 -38.37 -12.20 24.29
C LEU D 27 -37.00 -11.85 24.89
N HIS D 28 -36.73 -12.32 26.11
CA HIS D 28 -35.44 -12.08 26.73
C HIS D 28 -34.30 -12.63 25.88
N ASP D 29 -34.47 -13.85 25.35
CA ASP D 29 -33.41 -14.47 24.55
C ASP D 29 -33.26 -13.82 23.19
N CYS D 30 -34.32 -13.17 22.68
CA CYS D 30 -34.21 -12.50 21.38
C CYS D 30 -33.55 -11.13 21.49
N LEU D 31 -33.64 -10.49 22.65
CA LEU D 31 -33.17 -9.12 22.83
C LEU D 31 -31.95 -9.02 23.74
N MET D 32 -31.46 -10.13 24.29
CA MET D 32 -30.33 -10.10 25.21
C MET D 32 -29.11 -9.45 24.56
N LYS D 33 -28.83 -9.82 23.29
CA LYS D 33 -27.65 -9.29 22.63
C LYS D 33 -27.83 -7.82 22.24
N ALA D 34 -29.04 -7.46 21.79
CA ALA D 34 -29.29 -6.08 21.38
C ALA D 34 -29.18 -5.10 22.55
N LEU D 35 -29.49 -5.55 23.76
CA LEU D 35 -29.34 -4.68 24.92
C LEU D 35 -27.90 -4.64 25.41
N LYS D 36 -27.18 -5.75 25.32
CA LYS D 36 -25.81 -5.81 25.83
C LYS D 36 -24.88 -4.89 25.03
N VAL D 37 -24.99 -4.93 23.70
CA VAL D 37 -24.11 -4.13 22.85
C VAL D 37 -24.44 -2.64 22.93
N ARG D 38 -25.53 -2.26 23.58
CA ARG D 38 -25.89 -0.86 23.75
C ARG D 38 -25.74 -0.39 25.19
N GLY D 39 -25.03 -1.15 26.02
CA GLY D 39 -24.83 -0.78 27.40
C GLY D 39 -26.08 -0.79 28.24
N LEU D 40 -27.00 -1.71 27.96
CA LEU D 40 -28.25 -1.82 28.69
C LEU D 40 -28.38 -3.22 29.29
N GLN D 41 -28.97 -3.30 30.48
CA GLN D 41 -29.17 -4.58 31.12
C GLN D 41 -30.66 -4.93 31.16
N PRO D 42 -31.02 -6.19 30.89
CA PRO D 42 -32.44 -6.57 30.97
C PRO D 42 -33.04 -6.43 32.35
N GLU D 43 -32.22 -6.42 33.40
CA GLU D 43 -32.72 -6.29 34.76
C GLU D 43 -33.21 -4.87 35.07
N CAF D 44 -33.00 -3.96 34.12
CA CAF D 44 -33.37 -2.57 34.32
CB CAF D 44 -32.16 -1.66 34.12
C CAF D 44 -34.47 -2.14 33.35
O CAF D 44 -34.90 -1.03 33.37
SG CAF D 44 -30.83 -2.19 35.24
AS CAF D 44 -30.49 -0.58 36.75
CE1 CAF D 44 -31.43 -1.03 38.42
CE2 CAF D 44 -28.56 -0.44 37.09
O1 CAF D 44 -31.10 0.96 36.12
N CYS D 45 -34.90 -3.07 32.50
CA CYS D 45 -35.85 -2.74 31.44
C CYS D 45 -37.07 -3.64 31.47
N ALA D 46 -38.10 -3.23 30.74
CA ALA D 46 -39.29 -4.03 30.48
C ALA D 46 -39.62 -3.94 29.01
N VAL D 47 -40.15 -5.03 28.46
CA VAL D 47 -40.57 -5.08 27.06
C VAL D 47 -42.08 -4.91 27.01
N PHE D 48 -42.54 -4.08 26.06
CA PHE D 48 -43.93 -3.72 25.95
C PHE D 48 -44.46 -4.06 24.56
N ARG D 49 -45.78 -4.19 24.46
CA ARG D 49 -46.48 -4.34 23.20
C ARG D 49 -47.20 -3.05 22.89
N LEU D 50 -46.91 -2.47 21.72
CA LEU D 50 -47.52 -1.22 21.33
C LEU D 50 -48.96 -1.44 20.91
N LEU D 51 -49.86 -0.58 21.39
CA LEU D 51 -51.28 -0.68 21.12
C LEU D 51 -51.71 0.42 20.15
N HIS D 52 -52.73 0.10 19.34
CA HIS D 52 -53.23 1.05 18.37
C HIS D 52 -54.37 1.89 18.91
N GLU D 53 -55.31 1.27 19.62
CA GLU D 53 -56.41 2.00 20.21
C GLU D 53 -55.90 2.88 21.35
N HIS D 54 -56.28 4.16 21.33
CA HIS D 54 -55.75 5.15 22.27
C HIS D 54 -56.19 4.92 23.73
N LYS D 55 -56.85 3.81 24.09
CA LYS D 55 -57.10 3.48 25.49
C LYS D 55 -55.86 2.76 26.05
N GLY D 56 -54.77 3.51 26.14
CA GLY D 56 -53.50 2.95 26.54
C GLY D 56 -52.56 2.77 25.37
N LYS D 57 -51.29 3.10 25.56
CA LYS D 57 -50.29 3.02 24.49
C LYS D 57 -49.48 1.73 24.53
N LYS D 58 -49.04 1.30 25.71
CA LYS D 58 -48.17 0.15 25.83
C LYS D 58 -48.76 -0.86 26.80
N ALA D 59 -48.66 -2.13 26.45
CA ALA D 59 -49.05 -3.23 27.33
C ALA D 59 -47.80 -4.02 27.69
N ARG D 60 -47.48 -4.09 28.97
CA ARG D 60 -46.25 -4.73 29.41
C ARG D 60 -46.33 -6.24 29.21
N LEU D 61 -45.22 -6.82 28.73
CA LEU D 61 -45.12 -8.25 28.49
C LEU D 61 -44.05 -8.84 29.39
N ASP D 62 -44.24 -10.10 29.76
CA ASP D 62 -43.22 -10.83 30.50
C ASP D 62 -42.01 -11.08 29.60
N TRP D 63 -40.82 -11.05 30.21
CA TRP D 63 -39.61 -11.30 29.44
C TRP D 63 -39.55 -12.73 28.91
N ASN D 64 -40.22 -13.67 29.58
CA ASN D 64 -40.22 -15.07 29.18
C ASN D 64 -41.34 -15.39 28.19
N THR D 65 -41.98 -14.37 27.62
CA THR D 65 -43.06 -14.60 26.68
C THR D 65 -42.53 -15.15 25.36
N ASP D 66 -43.23 -16.14 24.81
CA ASP D 66 -42.89 -16.68 23.51
C ASP D 66 -43.05 -15.61 22.44
N ALA D 67 -41.95 -15.29 21.76
CA ALA D 67 -41.99 -14.24 20.74
C ALA D 67 -42.88 -14.62 19.55
N ALA D 68 -43.12 -15.90 19.33
CA ALA D 68 -43.96 -16.33 18.22
C ALA D 68 -45.41 -15.85 18.36
N SER D 69 -45.86 -15.59 19.59
CA SER D 69 -47.21 -15.09 19.82
C SER D 69 -47.34 -13.59 19.57
N LEU D 70 -46.25 -12.92 19.17
CA LEU D 70 -46.26 -11.49 18.93
C LEU D 70 -45.91 -11.14 17.49
N ILE D 71 -45.98 -12.11 16.58
CA ILE D 71 -45.71 -11.83 15.18
C ILE D 71 -46.75 -10.87 14.64
N GLY D 72 -46.29 -9.90 13.85
CA GLY D 72 -47.15 -8.84 13.37
C GLY D 72 -47.28 -7.66 14.31
N GLU D 73 -46.89 -7.81 15.56
CA GLU D 73 -46.94 -6.74 16.54
C GLU D 73 -45.64 -5.94 16.53
N GLU D 74 -45.68 -4.77 17.16
CA GLU D 74 -44.52 -3.90 17.30
C GLU D 74 -44.24 -3.72 18.79
N LEU D 75 -43.02 -4.01 19.20
CA LEU D 75 -42.64 -3.98 20.60
C LEU D 75 -41.83 -2.72 20.91
N GLN D 76 -41.56 -2.53 22.21
CA GLN D 76 -40.76 -1.41 22.67
C GLN D 76 -40.16 -1.75 24.03
N VAL D 77 -38.84 -1.67 24.13
CA VAL D 77 -38.15 -1.87 25.40
C VAL D 77 -37.94 -0.50 26.04
N ASP D 78 -38.35 -0.37 27.29
CA ASP D 78 -38.19 0.87 28.04
C ASP D 78 -37.61 0.57 29.42
N PHE D 79 -37.01 1.60 30.01
CA PHE D 79 -36.49 1.46 31.36
C PHE D 79 -37.63 1.23 32.35
N LEU D 80 -37.31 0.58 33.46
CA LEU D 80 -38.27 0.46 34.55
C LEU D 80 -38.45 1.82 35.24
N ASP D 81 -39.42 1.86 36.14
CA ASP D 81 -39.76 3.12 36.81
C ASP D 81 -38.61 3.55 37.72
N HIS D 82 -38.12 4.77 37.50
CA HIS D 82 -37.18 5.45 38.40
C HIS D 82 -35.82 4.75 38.48
N VAL D 83 -35.37 4.15 37.38
CA VAL D 83 -34.05 3.52 37.36
C VAL D 83 -33.01 4.62 37.25
N PRO D 84 -31.83 4.47 37.86
CA PRO D 84 -30.83 5.54 37.84
C PRO D 84 -29.98 5.56 36.58
N LEU D 85 -30.60 5.38 35.42
CA LEU D 85 -29.90 5.38 34.14
C LEU D 85 -30.31 6.59 33.33
N THR D 86 -29.33 7.28 32.76
CA THR D 86 -29.56 8.45 31.92
C THR D 86 -28.39 8.58 30.95
N THR D 87 -28.42 9.64 30.15
CA THR D 87 -27.35 9.93 29.21
C THR D 87 -26.39 10.95 29.80
N HIS D 88 -25.11 10.80 29.46
CA HIS D 88 -24.08 11.69 29.98
C HIS D 88 -24.29 13.11 29.48
N ASN D 89 -23.67 14.06 30.18
CA ASN D 89 -23.69 15.47 29.83
C ASN D 89 -22.24 15.96 29.92
N PHE D 90 -21.51 15.82 28.82
CA PHE D 90 -20.07 16.09 28.81
C PHE D 90 -19.79 17.58 28.62
N ALA D 91 -18.61 17.99 29.10
CA ALA D 91 -18.18 19.37 28.97
C ALA D 91 -16.67 19.43 29.13
N ARG D 92 -16.04 20.41 28.48
CA ARG D 92 -14.61 20.60 28.61
C ARG D 92 -14.25 21.10 30.00
N LYS D 93 -13.09 20.67 30.50
CA LYS D 93 -12.61 21.10 31.80
C LYS D 93 -11.09 20.99 31.83
N THR D 94 -10.44 22.03 32.34
CA THR D 94 -9.00 22.03 32.57
C THR D 94 -8.77 21.72 34.04
N PHE D 95 -8.24 20.53 34.32
CA PHE D 95 -8.06 20.05 35.69
C PHE D 95 -6.82 20.69 36.28
N LEU D 96 -7.02 21.60 37.24
CA LEU D 96 -5.90 22.19 37.96
C LEU D 96 -5.43 21.34 39.13
N LYS D 97 -6.35 20.66 39.80
CA LYS D 97 -5.97 19.65 40.77
C LYS D 97 -5.48 18.39 40.04
N LEU D 98 -4.69 17.58 40.75
CA LEU D 98 -4.15 16.36 40.16
C LEU D 98 -5.27 15.40 39.81
N ALA D 99 -5.47 15.14 38.52
CA ALA D 99 -6.56 14.29 38.05
C ALA D 99 -6.03 13.28 37.05
N PHE D 100 -6.66 12.12 37.02
CA PHE D 100 -6.27 11.04 36.14
C PHE D 100 -7.48 10.56 35.34
N CYS D 101 -7.25 10.22 34.07
CA CYS D 101 -8.31 9.73 33.21
C CYS D 101 -8.89 8.43 33.75
N ASP D 102 -10.21 8.35 33.81
CA ASP D 102 -10.88 7.14 34.29
C ASP D 102 -10.74 5.96 33.35
N ILE D 103 -10.15 6.16 32.17
CA ILE D 103 -10.01 5.12 31.17
C ILE D 103 -8.60 4.54 31.14
N CYS D 104 -7.58 5.41 31.09
CA CYS D 104 -6.21 4.96 30.98
C CYS D 104 -5.37 5.24 32.23
N GLN D 105 -5.95 5.91 33.23
CA GLN D 105 -5.28 6.17 34.51
C GLN D 105 -4.01 6.99 34.34
N LYS D 106 -3.94 7.80 33.28
CA LYS D 106 -2.80 8.66 33.04
C LYS D 106 -3.14 10.11 33.39
N PHE D 107 -2.10 10.94 33.43
CA PHE D 107 -2.24 12.33 33.84
C PHE D 107 -3.24 13.06 32.95
N LEU D 108 -4.10 13.87 33.58
CA LEU D 108 -5.19 14.55 32.90
C LEU D 108 -5.12 16.03 33.18
N LEU D 109 -4.96 16.84 32.13
CA LEU D 109 -5.01 18.29 32.23
C LEU D 109 -6.15 18.85 31.39
N ASN D 110 -6.12 18.68 30.07
CA ASN D 110 -7.22 19.03 29.20
C ASN D 110 -8.04 17.78 28.92
N GLY D 111 -9.29 17.77 29.38
CA GLY D 111 -10.14 16.61 29.21
C GLY D 111 -11.60 16.98 29.25
N PHE D 112 -12.43 15.96 29.38
CA PHE D 112 -13.88 16.13 29.41
C PHE D 112 -14.43 15.44 30.65
N ARG D 113 -15.47 16.03 31.23
CA ARG D 113 -16.11 15.48 32.42
C ARG D 113 -17.62 15.52 32.24
N CYS D 114 -18.30 14.49 32.75
CA CYS D 114 -19.76 14.49 32.79
C CYS D 114 -20.22 15.26 34.02
N GLN D 115 -21.04 16.30 33.80
CA GLN D 115 -21.50 17.13 34.89
C GLN D 115 -22.44 16.41 35.84
N THR D 116 -22.86 15.18 35.51
CA THR D 116 -23.77 14.42 36.35
C THR D 116 -23.05 13.36 37.18
N CYS D 117 -22.30 12.47 36.53
CA CYS D 117 -21.66 11.37 37.23
C CYS D 117 -20.17 11.60 37.51
N GLY D 118 -19.56 12.61 36.89
CA GLY D 118 -18.18 12.94 37.17
C GLY D 118 -17.15 12.16 36.38
N TYR D 119 -17.56 11.38 35.40
CA TYR D 119 -16.62 10.63 34.57
C TYR D 119 -15.72 11.58 33.80
N LYS D 120 -14.41 11.48 34.02
CA LYS D 120 -13.43 12.32 33.36
C LYS D 120 -12.51 11.46 32.49
N PHE D 121 -12.09 12.02 31.35
CA PHE D 121 -11.39 11.22 30.35
C PHE D 121 -10.71 12.14 29.34
N HIS D 122 -9.67 11.60 28.69
CA HIS D 122 -9.04 12.28 27.57
C HIS D 122 -9.99 12.31 26.37
N GLU D 123 -9.66 13.17 25.40
CA GLU D 123 -10.43 13.20 24.16
C GLU D 123 -10.32 11.88 23.41
N HIS D 124 -9.12 11.31 23.34
CA HIS D 124 -8.91 10.06 22.62
C HIS D 124 -9.39 8.84 23.38
N CYS D 125 -9.87 9.00 24.61
CA CYS D 125 -10.41 7.90 25.41
C CYS D 125 -11.94 7.93 25.48
N SER D 126 -12.59 8.68 24.58
CA SER D 126 -14.01 8.97 24.73
C SER D 126 -14.87 7.73 24.45
N THR D 127 -14.48 6.92 23.47
CA THR D 127 -15.32 5.78 23.09
C THR D 127 -15.41 4.74 24.21
N LYS D 128 -14.41 4.67 25.07
CA LYS D 128 -14.42 3.70 26.16
C LYS D 128 -15.31 4.12 27.33
N VAL D 129 -15.84 5.33 27.31
CA VAL D 129 -16.75 5.75 28.38
C VAL D 129 -18.04 4.94 28.30
N PRO D 130 -18.57 4.45 29.42
CA PRO D 130 -19.82 3.69 29.37
C PRO D 130 -20.94 4.49 28.72
N THR D 131 -21.79 3.78 27.98
CA THR D 131 -22.82 4.44 27.18
C THR D 131 -23.87 5.12 28.06
N MET D 132 -24.20 4.54 29.20
CA MET D 132 -25.25 5.05 30.08
C MET D 132 -24.65 5.72 31.30
N CYS D 133 -25.28 6.81 31.73
CA CYS D 133 -24.86 7.55 32.91
C CYS D 133 -25.64 7.05 34.13
N VAL D 134 -24.92 6.72 35.19
CA VAL D 134 -25.52 6.22 36.42
C VAL D 134 -25.53 7.34 37.44
N ASP D 135 -26.73 7.73 37.89
CA ASP D 135 -26.91 8.85 38.81
C ASP D 135 -27.71 8.37 40.02
N TRP D 136 -27.01 8.14 41.12
CA TRP D 136 -27.66 7.75 42.37
C TRP D 136 -27.51 8.87 43.40
N SER D 137 -27.87 10.10 43.02
CA SER D 137 -27.77 11.24 43.93
C SER D 137 -29.13 11.59 44.51
N MET E 2 3.91 33.76 20.97
CA MET E 2 3.72 32.38 21.43
C MET E 2 4.01 32.22 22.91
N THR E 3 3.86 31.00 23.40
CA THR E 3 4.19 30.64 24.77
C THR E 3 5.46 29.80 24.77
N GLU E 4 6.43 30.20 25.58
CA GLU E 4 7.73 29.55 25.60
C GLU E 4 7.87 28.69 26.84
N TYR E 5 8.41 27.48 26.66
CA TYR E 5 8.66 26.54 27.75
C TYR E 5 10.15 26.21 27.73
N LYS E 6 10.81 26.41 28.87
CA LYS E 6 12.24 26.14 29.01
C LYS E 6 12.40 24.78 29.69
N LEU E 7 12.78 23.78 28.92
CA LEU E 7 12.96 22.42 29.42
C LEU E 7 14.45 22.10 29.57
N VAL E 8 14.76 21.27 30.56
CA VAL E 8 16.13 20.84 30.83
C VAL E 8 16.14 19.32 30.92
N VAL E 9 17.05 18.69 30.20
CA VAL E 9 17.18 17.24 30.20
C VAL E 9 18.43 16.89 31.02
N VAL E 10 18.22 16.30 32.19
CA VAL E 10 19.31 15.96 33.10
C VAL E 10 19.35 14.45 33.28
N GLY E 11 20.49 13.98 33.77
CA GLY E 11 20.69 12.56 33.99
C GLY E 11 22.14 12.18 33.76
N ALA E 12 22.47 10.97 34.19
CA ALA E 12 23.83 10.47 34.04
C ALA E 12 24.21 10.32 32.58
N GLY E 13 25.51 10.22 32.33
CA GLY E 13 25.98 10.14 30.96
C GLY E 13 25.70 8.79 30.33
N GLY E 14 25.28 8.82 29.07
CA GLY E 14 25.01 7.60 28.32
C GLY E 14 23.62 7.03 28.48
N VAL E 15 22.69 7.77 29.09
CA VAL E 15 21.33 7.27 29.31
C VAL E 15 20.41 7.58 28.14
N GLY E 16 20.80 8.47 27.24
CA GLY E 16 20.00 8.81 26.09
C GLY E 16 19.39 10.21 26.10
N LYS E 17 19.95 11.15 26.85
CA LYS E 17 19.40 12.50 26.90
C LYS E 17 19.44 13.16 25.54
N SER E 18 20.57 13.05 24.83
CA SER E 18 20.68 13.65 23.52
C SER E 18 19.83 12.90 22.50
N ALA E 19 19.84 11.56 22.56
CA ALA E 19 19.04 10.77 21.63
C ALA E 19 17.55 11.03 21.80
N LEU E 20 17.11 11.29 23.04
CA LEU E 20 15.71 11.63 23.26
C LEU E 20 15.35 12.97 22.65
N THR E 21 16.28 13.94 22.72
CA THR E 21 16.00 15.28 22.21
C THR E 21 16.01 15.31 20.70
N ILE E 22 17.02 14.71 20.07
CA ILE E 22 17.11 14.70 18.62
C ILE E 22 15.93 13.94 18.01
N GLN E 23 15.51 12.85 18.66
CA GLN E 23 14.36 12.10 18.17
C GLN E 23 13.08 12.93 18.25
N LEU E 24 12.98 13.84 19.22
CA LEU E 24 11.81 14.69 19.33
C LEU E 24 11.78 15.76 18.25
N ILE E 25 12.90 16.47 18.08
CA ILE E 25 12.93 17.62 17.18
C ILE E 25 13.32 17.27 15.75
N GLN E 26 13.84 16.07 15.50
CA GLN E 26 14.27 15.70 14.16
C GLN E 26 13.72 14.37 13.66
N ASN E 27 13.03 13.60 14.50
CA ASN E 27 12.54 12.27 14.12
C ASN E 27 13.67 11.42 13.55
N HIS E 28 14.77 11.36 14.30
CA HIS E 28 15.99 10.72 13.85
C HIS E 28 16.75 10.20 15.06
N PHE E 29 17.09 8.92 15.04
CA PHE E 29 17.80 8.29 16.16
C PHE E 29 19.30 8.39 15.91
N VAL E 30 20.00 9.10 16.79
CA VAL E 30 21.45 9.22 16.70
C VAL E 30 22.06 7.96 17.29
N ASP E 31 22.76 7.19 16.45
CA ASP E 31 23.38 5.95 16.91
C ASP E 31 24.76 6.18 17.50
N GLU E 32 25.43 7.27 17.13
CA GLU E 32 26.75 7.56 17.65
C GLU E 32 26.67 8.20 19.03
N TYR E 33 27.65 7.87 19.88
CA TYR E 33 27.73 8.40 21.25
C TYR E 33 28.67 9.60 21.22
N ASP E 34 28.08 10.80 21.17
CA ASP E 34 28.83 12.04 21.28
C ASP E 34 28.57 12.66 22.65
N PRO E 35 29.53 12.58 23.58
CA PRO E 35 29.31 13.16 24.91
C PRO E 35 29.03 14.66 24.82
N THR E 36 27.85 15.04 25.32
CA THR E 36 27.42 16.43 25.26
C THR E 36 28.06 17.23 26.39
N ILE E 37 28.50 18.44 26.07
CA ILE E 37 28.96 19.40 27.06
C ILE E 37 27.85 20.38 27.42
N GLU E 38 27.22 20.98 26.41
CA GLU E 38 26.15 21.95 26.59
C GLU E 38 25.49 22.22 25.24
N ASP E 39 24.20 21.93 25.13
CA ASP E 39 23.48 22.08 23.86
C ASP E 39 22.10 22.67 24.12
N SER E 40 21.74 23.67 23.33
CA SER E 40 20.45 24.33 23.44
C SER E 40 19.72 24.22 22.10
N TYR E 41 18.49 23.71 22.14
CA TYR E 41 17.68 23.53 20.95
C TYR E 41 16.37 24.30 21.09
N ARG E 42 15.85 24.76 19.96
CA ARG E 42 14.59 25.50 19.92
C ARG E 42 13.77 25.02 18.73
N LYS E 43 12.56 24.55 19.02
CA LYS E 43 11.64 24.12 17.96
C LYS E 43 10.21 24.47 18.36
N GLN E 44 9.40 24.77 17.35
CA GLN E 44 7.98 25.02 17.54
C GLN E 44 7.21 23.72 17.40
N VAL E 45 6.35 23.43 18.38
CA VAL E 45 5.50 22.25 18.36
C VAL E 45 4.08 22.67 18.72
N VAL E 46 3.14 21.81 18.39
CA VAL E 46 1.74 22.00 18.74
C VAL E 46 1.41 21.02 19.85
N ILE E 47 1.14 21.54 21.05
CA ILE E 47 0.79 20.75 22.21
C ILE E 47 -0.60 21.18 22.68
N ASP E 48 -1.52 20.23 22.76
CA ASP E 48 -2.90 20.49 23.21
C ASP E 48 -3.55 21.60 22.39
N GLY E 49 -3.40 21.51 21.07
CA GLY E 49 -4.05 22.44 20.17
C GLY E 49 -3.48 23.84 20.15
N GLU E 50 -2.38 24.09 20.85
CA GLU E 50 -1.76 25.40 20.91
C GLU E 50 -0.33 25.33 20.41
N THR E 51 0.11 26.38 19.72
CA THR E 51 1.49 26.47 19.25
C THR E 51 2.40 26.83 20.43
N CYS E 52 3.42 26.01 20.64
CA CYS E 52 4.35 26.17 21.75
C CYS E 52 5.77 26.27 21.23
N LEU E 53 6.56 27.16 21.83
CA LEU E 53 7.97 27.28 21.51
C LEU E 53 8.76 26.56 22.60
N LEU E 54 9.42 25.47 22.21
CA LEU E 54 10.20 24.67 23.15
C LEU E 54 11.66 25.10 23.11
N ASP E 55 12.20 25.42 24.28
CA ASP E 55 13.61 25.74 24.44
C ASP E 55 14.22 24.63 25.30
N ILE E 56 14.85 23.66 24.66
CA ILE E 56 15.37 22.47 25.31
C ILE E 56 16.87 22.64 25.51
N LEU E 57 17.34 22.34 26.72
CA LEU E 57 18.76 22.42 27.06
C LEU E 57 19.26 21.01 27.37
N ASP E 58 20.11 20.48 26.49
CA ASP E 58 20.73 19.19 26.73
C ASP E 58 21.97 19.38 27.60
N THR E 59 22.03 18.65 28.71
CA THR E 59 23.07 18.83 29.70
C THR E 59 24.11 17.70 29.62
N ALA E 60 25.22 17.92 30.31
CA ALA E 60 26.31 16.94 30.37
C ALA E 60 26.05 15.96 31.51
N GLY E 61 26.17 14.67 31.21
CA GLY E 61 25.95 13.64 32.21
C GLY E 61 27.14 13.43 33.13
N ARG E 69 26.51 24.90 36.61
CA ARG E 69 25.57 23.83 36.94
C ARG E 69 24.31 24.39 37.59
N ASP E 70 24.50 25.25 38.60
CA ASP E 70 23.36 25.86 39.28
C ASP E 70 22.67 26.91 38.42
N GLN E 71 23.37 27.49 37.44
CA GLN E 71 22.78 28.57 36.66
C GLN E 71 21.67 28.05 35.75
N TYR E 72 21.89 26.92 35.08
CA TYR E 72 20.88 26.41 34.17
C TYR E 72 19.72 25.73 34.90
N MET E 73 19.87 25.46 36.19
CA MET E 73 18.73 24.98 36.98
C MET E 73 17.87 26.11 37.50
N ARG E 74 18.41 27.32 37.62
CA ARG E 74 17.61 28.45 38.07
C ARG E 74 16.68 28.94 36.98
N THR E 75 17.14 28.96 35.74
CA THR E 75 16.35 29.46 34.62
C THR E 75 15.46 28.39 33.98
N GLY E 76 15.68 27.12 34.33
CA GLY E 76 14.87 26.06 33.75
C GLY E 76 13.50 25.98 34.42
N GLU E 77 12.47 25.81 33.59
CA GLU E 77 11.10 25.73 34.06
C GLU E 77 10.64 24.30 34.30
N GLY E 78 11.07 23.37 33.45
CA GLY E 78 10.77 21.97 33.64
C GLY E 78 12.02 21.13 33.46
N PHE E 79 12.02 19.97 34.09
CA PHE E 79 13.20 19.10 34.13
C PHE E 79 12.80 17.67 33.78
N LEU E 80 13.54 17.09 32.84
CA LEU E 80 13.33 15.72 32.39
C LEU E 80 14.47 14.88 32.96
N CYS E 81 14.19 14.13 34.02
CA CYS E 81 15.19 13.31 34.69
C CYS E 81 15.23 11.95 34.00
N VAL E 82 16.31 11.69 33.26
CA VAL E 82 16.42 10.51 32.42
C VAL E 82 17.41 9.54 33.04
N PHE E 83 17.03 8.27 33.07
CA PHE E 83 17.94 7.18 33.40
C PHE E 83 17.72 6.05 32.40
N ALA E 84 18.64 5.09 32.41
CA ALA E 84 18.57 3.94 31.53
C ALA E 84 18.20 2.71 32.35
N ILE E 85 17.18 1.98 31.89
CA ILE E 85 16.71 0.80 32.62
C ILE E 85 17.71 -0.35 32.62
N ASN E 86 18.73 -0.28 31.78
CA ASN E 86 19.81 -1.26 31.78
C ASN E 86 21.04 -0.79 32.55
N ASN E 87 20.98 0.39 33.16
CA ASN E 87 22.08 0.94 33.95
C ASN E 87 21.54 1.29 35.33
N THR E 88 21.76 0.41 36.30
CA THR E 88 21.26 0.66 37.65
C THR E 88 21.90 1.88 38.28
N LYS E 89 23.18 2.13 37.98
CA LYS E 89 23.86 3.28 38.55
C LYS E 89 23.20 4.58 38.12
N SER E 90 22.76 4.66 36.86
CA SER E 90 22.08 5.85 36.39
C SER E 90 20.76 6.07 37.12
N PHE E 91 20.12 4.98 37.56
CA PHE E 91 18.89 5.11 38.34
C PHE E 91 19.20 5.58 39.76
N GLU E 92 20.30 5.09 40.35
CA GLU E 92 20.68 5.51 41.70
C GLU E 92 21.25 6.91 41.74
N ASP E 93 21.44 7.56 40.59
CA ASP E 93 21.91 8.94 40.53
C ASP E 93 20.78 9.94 40.31
N ILE E 94 19.55 9.46 40.12
CA ILE E 94 18.43 10.37 39.87
C ILE E 94 18.17 11.26 41.07
N HIS E 95 18.28 10.70 42.27
CA HIS E 95 17.99 11.48 43.47
C HIS E 95 19.00 12.60 43.70
N HIS E 96 20.20 12.49 43.10
CA HIS E 96 21.17 13.59 43.21
C HIS E 96 20.68 14.82 42.46
N TYR E 97 20.19 14.63 41.23
CA TYR E 97 19.67 15.76 40.47
C TYR E 97 18.41 16.33 41.13
N ARG E 98 17.57 15.47 41.70
CA ARG E 98 16.36 15.93 42.37
C ARG E 98 16.69 16.84 43.54
N GLU E 99 17.74 16.51 44.30
CA GLU E 99 18.12 17.34 45.43
C GLU E 99 18.74 18.66 44.99
N GLN E 100 19.49 18.64 43.88
CA GLN E 100 20.11 19.87 43.38
C GLN E 100 19.07 20.84 42.86
N ILE E 101 18.05 20.34 42.16
CA ILE E 101 17.01 21.20 41.61
C ILE E 101 16.19 21.83 42.73
N LYS E 102 15.84 21.03 43.75
CA LYS E 102 15.07 21.57 44.87
C LYS E 102 15.89 22.54 45.70
N ARG E 103 17.21 22.36 45.75
CA ARG E 103 18.05 23.28 46.51
C ARG E 103 18.28 24.59 45.77
N VAL E 104 18.43 24.52 44.44
CA VAL E 104 18.68 25.73 43.65
C VAL E 104 17.41 26.57 43.56
N LYS E 105 16.31 25.98 43.09
CA LYS E 105 15.07 26.72 42.92
C LYS E 105 14.35 27.00 44.22
N ASP E 106 14.74 26.33 45.32
CA ASP E 106 14.17 26.56 46.65
C ASP E 106 12.65 26.39 46.63
N SER E 107 12.21 25.25 46.12
CA SER E 107 10.78 24.95 46.01
C SER E 107 10.59 23.46 45.85
N GLU E 108 9.40 22.99 46.22
CA GLU E 108 9.04 21.58 46.12
C GLU E 108 8.08 21.27 44.99
N ASP E 109 7.55 22.29 44.31
CA ASP E 109 6.60 22.07 43.23
C ASP E 109 7.23 22.36 41.87
N VAL E 110 8.44 21.86 41.66
CA VAL E 110 9.14 22.05 40.38
C VAL E 110 8.64 21.02 39.38
N PRO E 111 8.13 21.44 38.23
CA PRO E 111 7.67 20.47 37.23
C PRO E 111 8.80 19.53 36.81
N MET E 112 8.49 18.24 36.77
CA MET E 112 9.52 17.22 36.58
C MET E 112 8.88 15.94 36.11
N VAL E 113 9.61 15.18 35.31
CA VAL E 113 9.16 13.88 34.81
C VAL E 113 10.31 12.89 34.92
N LEU E 114 10.04 11.72 35.47
CA LEU E 114 11.02 10.64 35.51
C LEU E 114 10.90 9.81 34.25
N VAL E 115 12.02 9.61 33.55
CA VAL E 115 12.04 8.95 32.25
C VAL E 115 12.99 7.76 32.32
N GLY E 116 12.46 6.57 32.05
CA GLY E 116 13.28 5.39 31.93
C GLY E 116 13.52 5.02 30.48
N ASN E 117 14.69 5.36 29.96
CA ASN E 117 14.98 5.22 28.54
C ASN E 117 15.44 3.79 28.22
N LYS E 118 15.52 3.51 26.92
CA LYS E 118 16.05 2.25 26.39
C LYS E 118 15.18 1.06 26.76
N CYS E 119 13.86 1.22 26.63
CA CYS E 119 12.94 0.13 26.91
C CYS E 119 12.88 -0.89 25.78
N ASP E 120 13.56 -0.64 24.66
CA ASP E 120 13.62 -1.61 23.58
C ASP E 120 14.61 -2.74 23.87
N LEU E 121 15.60 -2.50 24.74
CA LEU E 121 16.60 -3.51 25.04
C LEU E 121 16.04 -4.58 25.97
N PRO E 122 16.50 -5.81 25.84
CA PRO E 122 15.98 -6.89 26.69
C PRO E 122 16.67 -6.96 28.05
N SER E 123 17.93 -6.55 28.10
CA SER E 123 18.73 -6.63 29.33
C SER E 123 18.29 -5.52 30.28
N ARG E 124 17.23 -5.80 31.03
CA ARG E 124 16.67 -4.85 31.98
C ARG E 124 17.23 -5.12 33.37
N THR E 125 17.64 -4.05 34.05
CA THR E 125 18.21 -4.15 35.39
C THR E 125 17.47 -3.34 36.45
N VAL E 126 16.70 -2.33 36.06
CA VAL E 126 15.93 -1.52 37.00
C VAL E 126 14.48 -1.97 36.91
N ASP E 127 13.94 -2.47 38.03
CA ASP E 127 12.58 -2.99 38.04
C ASP E 127 11.56 -1.89 37.82
N THR E 128 10.42 -2.26 37.24
CA THR E 128 9.34 -1.30 37.05
C THR E 128 8.81 -0.80 38.39
N LYS E 129 8.76 -1.68 39.39
CA LYS E 129 8.29 -1.27 40.71
C LYS E 129 9.23 -0.26 41.35
N GLN E 130 10.54 -0.41 41.12
CA GLN E 130 11.49 0.53 41.69
C GLN E 130 11.29 1.94 41.16
N ALA E 131 11.07 2.07 39.85
CA ALA E 131 10.95 3.38 39.24
C ALA E 131 9.62 4.03 39.58
N GLN E 132 8.54 3.25 39.63
CA GLN E 132 7.24 3.79 39.99
C GLN E 132 7.24 4.32 41.42
N ASP E 133 7.88 3.60 42.33
CA ASP E 133 7.92 4.02 43.72
C ASP E 133 8.71 5.31 43.89
N LEU E 134 9.81 5.47 43.14
CA LEU E 134 10.60 6.67 43.24
C LEU E 134 9.83 7.89 42.72
N ALA E 135 9.21 7.75 41.55
CA ALA E 135 8.46 8.86 40.97
C ALA E 135 7.27 9.25 41.84
N ARG E 136 6.64 8.27 42.50
CA ARG E 136 5.50 8.58 43.35
C ARG E 136 5.94 9.29 44.62
N SER E 137 7.12 8.97 45.15
CA SER E 137 7.65 9.68 46.30
C SER E 137 8.02 11.12 45.97
N TYR E 138 8.26 11.42 44.69
CA TYR E 138 8.51 12.78 44.25
C TYR E 138 7.25 13.48 43.74
N GLY E 139 6.14 12.76 43.62
CA GLY E 139 4.94 13.34 43.06
C GLY E 139 5.04 13.64 41.58
N ILE E 140 5.87 12.90 40.85
CA ILE E 140 6.07 13.15 39.43
C ILE E 140 5.69 11.91 38.63
N PRO E 141 5.32 12.06 37.36
CA PRO E 141 5.02 10.88 36.54
C PRO E 141 6.28 10.12 36.16
N PHE E 142 6.09 8.86 35.82
CA PHE E 142 7.15 8.00 35.31
C PHE E 142 6.75 7.45 33.95
N ILE E 143 7.63 7.61 32.96
CA ILE E 143 7.35 7.22 31.58
C ILE E 143 8.55 6.45 31.04
N GLU E 144 8.28 5.25 30.52
CA GLU E 144 9.31 4.46 29.85
C GLU E 144 9.35 4.86 28.38
N THR E 145 10.52 5.24 27.90
CA THR E 145 10.70 5.71 26.54
C THR E 145 11.75 4.88 25.81
N SER E 146 11.82 5.08 24.50
CA SER E 146 12.86 4.46 23.68
C SER E 146 13.16 5.43 22.54
N ALA E 147 14.30 6.11 22.63
CA ALA E 147 14.71 7.01 21.56
C ALA E 147 15.02 6.26 20.27
N LYS E 148 15.30 4.95 20.36
CA LYS E 148 15.61 4.18 19.17
C LYS E 148 14.36 3.91 18.34
N THR E 149 13.22 3.68 19.00
CA THR E 149 11.96 3.42 18.31
C THR E 149 10.96 4.57 18.43
N ARG E 150 11.34 5.66 19.09
CA ARG E 150 10.46 6.82 19.30
C ARG E 150 9.18 6.40 20.00
N GLN E 151 9.32 5.62 21.06
CA GLN E 151 8.18 5.16 21.85
C GLN E 151 8.01 6.10 23.04
N ARG E 152 6.83 6.71 23.14
CA ARG E 152 6.47 7.63 24.22
C ARG E 152 7.47 8.79 24.35
N VAL E 153 8.17 9.14 23.26
CA VAL E 153 9.11 10.25 23.32
C VAL E 153 8.37 11.57 23.39
N GLU E 154 7.38 11.76 22.51
CA GLU E 154 6.53 12.94 22.62
C GLU E 154 5.73 12.92 23.92
N ASP E 155 5.31 11.72 24.36
CA ASP E 155 4.58 11.62 25.61
C ASP E 155 5.40 12.13 26.79
N ALA E 156 6.71 11.87 26.78
CA ALA E 156 7.56 12.34 27.87
C ALA E 156 7.70 13.85 27.86
N PHE E 157 7.97 14.44 26.69
CA PHE E 157 8.14 15.88 26.62
C PHE E 157 6.82 16.62 26.78
N TYR E 158 5.75 16.12 26.17
CA TYR E 158 4.47 16.81 26.26
C TYR E 158 3.90 16.75 27.67
N THR E 159 4.17 15.68 28.42
CA THR E 159 3.74 15.62 29.81
C THR E 159 4.47 16.66 30.66
N LEU E 160 5.75 16.87 30.37
CA LEU E 160 6.50 17.90 31.08
C LEU E 160 5.96 19.29 30.79
N VAL E 161 5.59 19.55 29.53
CA VAL E 161 5.04 20.84 29.16
C VAL E 161 3.69 21.06 29.84
N ARG E 162 2.86 20.02 29.89
CA ARG E 162 1.55 20.15 30.51
C ARG E 162 1.66 20.40 32.02
N GLU E 163 2.73 19.91 32.65
CA GLU E 163 2.93 20.19 34.07
C GLU E 163 3.32 21.65 34.29
N ILE E 164 4.16 22.20 33.42
CA ILE E 164 4.50 23.62 33.49
C ILE E 164 3.25 24.46 33.24
N ARG E 165 2.48 24.09 32.21
CA ARG E 165 1.27 24.82 31.90
C ARG E 165 0.27 24.75 33.04
N GLN E 166 0.20 23.60 33.72
CA GLN E 166 -0.67 23.48 34.89
C GLN E 166 -0.12 24.28 36.07
N TYR E 167 1.21 24.32 36.21
CA TYR E 167 1.82 25.09 37.28
C TYR E 167 1.52 26.58 37.13
N ARG E 168 1.56 27.09 35.91
CA ARG E 168 1.28 28.51 35.68
C ARG E 168 -0.20 28.82 35.88
N LEU E 169 -1.09 27.91 35.46
CA LEU E 169 -2.51 28.12 35.62
C LEU E 169 -2.95 28.17 37.07
N LYS E 170 -2.10 27.74 38.01
CA LYS E 170 -2.41 27.85 39.43
C LYS E 170 -2.11 29.26 39.93
N LYS E 171 -2.16 30.24 39.03
CA LYS E 171 -2.10 31.65 39.37
C LYS E 171 -3.46 32.19 39.84
N ILE E 172 -4.48 31.34 39.90
CA ILE E 172 -5.77 31.74 40.46
C ILE E 172 -5.70 32.01 41.95
N SER E 173 -4.55 31.73 42.58
CA SER E 173 -4.35 32.00 43.99
C SER E 173 -4.01 33.47 44.22
N THR F 6 37.83 23.56 24.81
CA THR F 6 36.40 23.76 24.56
C THR F 6 36.10 25.19 24.15
N ILE F 7 35.11 25.37 23.29
CA ILE F 7 34.73 26.68 22.77
C ILE F 7 33.21 26.79 22.79
N ARG F 8 32.70 27.85 23.41
CA ARG F 8 31.26 28.12 23.41
C ARG F 8 30.88 28.86 22.13
N VAL F 9 29.93 28.31 21.38
CA VAL F 9 29.51 28.84 20.10
C VAL F 9 28.02 29.16 20.17
N PHE F 10 27.68 30.40 19.83
CA PHE F 10 26.27 30.81 19.74
C PHE F 10 25.75 30.55 18.34
N LEU F 11 24.60 29.90 18.25
CA LEU F 11 24.01 29.47 17.00
C LEU F 11 22.81 30.33 16.64
N PRO F 12 22.36 30.29 15.39
CA PRO F 12 21.18 31.09 15.00
C PRO F 12 19.93 30.66 15.75
N ASN F 13 18.97 31.59 15.78
CA ASN F 13 17.68 31.38 16.44
C ASN F 13 17.85 31.11 17.94
N LYS F 14 18.73 31.88 18.57
CA LYS F 14 18.90 31.89 20.03
C LYS F 14 19.29 30.51 20.57
N GLN F 15 20.10 29.78 19.80
CA GLN F 15 20.63 28.49 20.22
C GLN F 15 22.14 28.61 20.44
N ARG F 16 22.71 27.59 21.08
CA ARG F 16 24.13 27.61 21.39
C ARG F 16 24.62 26.19 21.61
N THR F 17 25.93 26.03 21.53
CA THR F 17 26.56 24.74 21.74
C THR F 17 28.00 24.96 22.19
N VAL F 18 28.54 23.97 22.90
CA VAL F 18 29.93 23.99 23.36
C VAL F 18 30.62 22.78 22.74
N VAL F 19 31.55 23.02 21.83
CA VAL F 19 32.26 21.97 21.13
C VAL F 19 33.55 21.65 21.90
N ASN F 20 33.93 20.37 21.88
CA ASN F 20 35.21 19.94 22.42
C ASN F 20 36.26 20.02 21.32
N VAL F 21 37.26 20.87 21.54
CA VAL F 21 38.20 21.21 20.47
C VAL F 21 39.21 20.08 20.29
N ARG F 22 39.42 19.70 19.04
CA ARG F 22 40.47 18.75 18.66
C ARG F 22 41.48 19.46 17.78
N ASN F 23 42.76 19.23 18.06
CA ASN F 23 43.82 19.92 17.34
C ASN F 23 43.79 19.57 15.86
N GLY F 24 43.86 20.60 15.01
CA GLY F 24 43.81 20.43 13.58
C GLY F 24 42.42 20.38 12.99
N MET F 25 41.39 20.23 13.82
CA MET F 25 40.03 20.15 13.33
C MET F 25 39.52 21.55 12.99
N SER F 26 38.95 21.70 11.80
CA SER F 26 38.44 22.99 11.37
C SER F 26 37.15 23.33 12.11
N LEU F 27 36.80 24.61 12.08
CA LEU F 27 35.53 25.05 12.68
C LEU F 27 34.36 24.39 11.99
N HIS F 28 34.45 24.18 10.67
CA HIS F 28 33.36 23.55 9.93
C HIS F 28 33.15 22.12 10.39
N ASP F 29 34.23 21.38 10.63
CA ASP F 29 34.10 20.00 11.08
C ASP F 29 33.58 19.92 12.51
N CYS F 30 33.91 20.92 13.34
CA CYS F 30 33.42 20.92 14.72
C CYS F 30 31.93 21.24 14.80
N LEU F 31 31.43 22.10 13.90
CA LEU F 31 30.08 22.60 13.97
C LEU F 31 29.14 21.97 12.96
N MET F 32 29.61 21.00 12.17
CA MET F 32 28.77 20.39 11.15
C MET F 32 27.56 19.70 11.77
N LYS F 33 27.79 18.85 12.77
CA LYS F 33 26.68 18.11 13.37
C LYS F 33 25.74 19.02 14.14
N ALA F 34 26.26 20.09 14.75
CA ALA F 34 25.40 20.98 15.53
C ALA F 34 24.41 21.73 14.64
N LEU F 35 24.83 22.09 13.42
CA LEU F 35 23.93 22.78 12.51
C LEU F 35 22.92 21.82 11.88
N LYS F 36 23.31 20.58 11.62
CA LYS F 36 22.42 19.64 10.95
C LYS F 36 21.22 19.28 11.81
N VAL F 37 21.46 18.97 13.09
CA VAL F 37 20.36 18.59 13.98
C VAL F 37 19.41 19.75 14.23
N ARG F 38 19.83 20.98 13.93
CA ARG F 38 19.01 22.16 14.12
C ARG F 38 18.42 22.68 12.81
N GLY F 39 18.41 21.85 11.77
CA GLY F 39 17.84 22.26 10.49
C GLY F 39 18.59 23.35 9.78
N LEU F 40 19.86 23.55 10.11
CA LEU F 40 20.68 24.61 9.53
C LEU F 40 21.73 24.02 8.60
N GLN F 41 22.04 24.74 7.54
CA GLN F 41 23.09 24.33 6.62
C GLN F 41 24.28 25.29 6.72
N PRO F 42 25.51 24.76 6.75
CA PRO F 42 26.68 25.66 6.78
C PRO F 42 26.82 26.52 5.54
N GLU F 43 26.18 26.16 4.43
CA GLU F 43 26.25 26.94 3.20
C GLU F 43 25.50 28.27 3.32
N CAF F 44 24.70 28.42 4.36
CA CAF F 44 23.91 29.63 4.55
CB CAF F 44 22.44 29.30 4.79
C CAF F 44 24.43 30.44 5.72
O CAF F 44 23.89 31.45 6.03
SG CAF F 44 21.85 28.10 3.55
AS CAF F 44 20.35 29.10 2.20
CE1 CAF F 44 21.27 29.75 0.60
CE2 CAF F 44 18.99 27.78 1.69
O1 CAF F 44 19.58 30.46 3.06
N CYS F 45 25.52 29.98 6.35
CA CYS F 45 26.00 30.60 7.57
C CYS F 45 27.46 31.00 7.50
N ALA F 46 27.87 31.84 8.45
CA ALA F 46 29.26 32.23 8.63
C ALA F 46 29.58 32.24 10.11
N VAL F 47 30.81 31.88 10.45
CA VAL F 47 31.25 31.82 11.84
C VAL F 47 32.06 33.08 12.15
N PHE F 48 31.84 33.62 13.34
CA PHE F 48 32.46 34.87 13.77
C PHE F 48 33.16 34.68 15.10
N ARG F 49 34.11 35.58 15.38
CA ARG F 49 34.74 35.67 16.68
C ARG F 49 34.22 36.93 17.37
N LEU F 50 33.61 36.77 18.54
CA LEU F 50 33.02 37.89 19.24
C LEU F 50 34.11 38.81 19.79
N LEU F 51 34.02 40.09 19.44
CA LEU F 51 34.91 41.10 19.99
C LEU F 51 34.29 41.71 21.24
N HIS F 52 35.12 41.96 22.25
CA HIS F 52 34.61 42.44 23.53
C HIS F 52 34.88 43.93 23.70
N GLU F 53 36.14 44.32 23.81
CA GLU F 53 36.51 45.72 24.01
C GLU F 53 36.97 46.28 22.67
N HIS F 54 35.99 46.62 21.83
CA HIS F 54 36.25 47.13 20.50
C HIS F 54 35.08 48.00 20.06
N LYS F 55 35.24 48.62 18.87
CA LYS F 55 34.13 49.35 18.27
C LYS F 55 33.14 48.40 17.59
N GLY F 56 33.65 47.40 16.86
CA GLY F 56 32.80 46.37 16.32
C GLY F 56 32.43 45.32 17.34
N LYS F 57 31.56 44.40 16.92
CA LYS F 57 31.07 43.36 17.81
C LYS F 57 31.59 41.96 17.49
N LYS F 58 31.86 41.66 16.21
CA LYS F 58 32.38 40.36 15.85
C LYS F 58 33.11 40.45 14.52
N ALA F 59 34.11 39.58 14.36
CA ALA F 59 34.92 39.52 13.16
C ALA F 59 34.76 38.15 12.50
N ARG F 60 34.52 38.15 11.19
CA ARG F 60 34.24 36.92 10.49
C ARG F 60 35.49 36.06 10.37
N LEU F 61 35.33 34.76 10.63
CA LEU F 61 36.40 33.79 10.54
C LEU F 61 36.15 32.85 9.36
N ASP F 62 37.23 32.29 8.84
CA ASP F 62 37.12 31.31 7.77
C ASP F 62 36.60 29.98 8.33
N TRP F 63 35.72 29.33 7.58
CA TRP F 63 35.19 28.05 8.03
C TRP F 63 36.28 27.00 8.16
N ASN F 64 37.36 27.13 7.40
CA ASN F 64 38.46 26.18 7.43
C ASN F 64 39.49 26.50 8.52
N THR F 65 39.21 27.48 9.37
CA THR F 65 40.14 27.85 10.43
C THR F 65 40.25 26.75 11.47
N ASP F 66 41.49 26.42 11.85
CA ASP F 66 41.72 25.45 12.92
C ASP F 66 41.08 25.93 14.21
N ALA F 67 40.19 25.11 14.77
CA ALA F 67 39.53 25.47 16.01
C ALA F 67 40.49 25.55 17.19
N ALA F 68 41.64 24.87 17.11
CA ALA F 68 42.59 24.89 18.22
C ALA F 68 43.19 26.27 18.43
N SER F 69 43.23 27.09 17.38
CA SER F 69 43.75 28.45 17.49
C SER F 69 42.69 29.45 17.95
N LEU F 70 41.63 28.98 18.61
CA LEU F 70 40.57 29.84 19.10
C LEU F 70 40.17 29.50 20.53
N ILE F 71 41.05 28.82 21.28
CA ILE F 71 40.75 28.52 22.68
C ILE F 71 40.68 29.82 23.47
N GLY F 72 39.75 29.86 24.42
CA GLY F 72 39.52 31.06 25.19
C GLY F 72 38.64 32.10 24.52
N GLU F 73 38.38 31.96 23.23
CA GLU F 73 37.51 32.86 22.50
C GLU F 73 36.07 32.37 22.56
N GLU F 74 35.15 33.25 22.14
CA GLU F 74 33.72 32.93 22.10
C GLU F 74 33.23 33.19 20.68
N LEU F 75 32.74 32.15 20.02
CA LEU F 75 32.35 32.23 18.62
C LEU F 75 30.85 32.43 18.49
N GLN F 76 30.42 32.70 17.25
CA GLN F 76 29.01 32.89 16.95
C GLN F 76 28.76 32.58 15.49
N VAL F 77 27.79 31.71 15.22
CA VAL F 77 27.38 31.36 13.87
C VAL F 77 26.11 32.15 13.55
N ASP F 78 26.13 32.88 12.44
CA ASP F 78 25.00 33.68 12.00
C ASP F 78 24.73 33.46 10.53
N PHE F 79 23.50 33.78 10.12
CA PHE F 79 23.11 33.65 8.72
C PHE F 79 23.85 34.66 7.86
N LEU F 80 24.08 34.28 6.61
CA LEU F 80 24.63 35.20 5.64
C LEU F 80 23.60 36.27 5.29
N ASP F 81 24.07 37.34 4.64
CA ASP F 81 23.20 38.46 4.33
C ASP F 81 22.08 38.05 3.39
N HIS F 82 20.85 38.37 3.78
CA HIS F 82 19.67 38.25 2.93
C HIS F 82 19.38 36.79 2.54
N VAL F 83 19.67 35.85 3.43
CA VAL F 83 19.31 34.45 3.14
C VAL F 83 17.80 34.28 3.31
N PRO F 84 17.14 33.44 2.51
CA PRO F 84 15.69 33.26 2.61
C PRO F 84 15.26 32.26 3.68
N LEU F 85 15.77 32.45 4.90
CA LEU F 85 15.49 31.55 6.01
C LEU F 85 15.05 32.36 7.22
N THR F 86 13.82 32.12 7.69
CA THR F 86 13.33 32.66 8.95
C THR F 86 12.62 31.55 9.69
N THR F 87 11.87 31.91 10.73
CA THR F 87 11.07 30.95 11.47
C THR F 87 9.63 30.99 10.98
N HIS F 88 8.92 29.89 11.21
CA HIS F 88 7.53 29.80 10.79
C HIS F 88 6.64 30.66 11.66
N ASN F 89 5.46 30.99 11.13
CA ASN F 89 4.43 31.74 11.84
C ASN F 89 3.12 30.95 11.72
N PHE F 90 2.95 29.97 12.60
CA PHE F 90 1.84 29.04 12.51
C PHE F 90 0.54 29.68 13.01
N ALA F 91 -0.57 29.11 12.56
CA ALA F 91 -1.89 29.59 12.93
C ALA F 91 -2.92 28.50 12.64
N ARG F 92 -3.96 28.45 13.47
CA ARG F 92 -5.06 27.53 13.24
C ARG F 92 -5.76 27.84 11.92
N LYS F 93 -6.32 26.82 11.30
CA LYS F 93 -7.06 27.01 10.05
C LYS F 93 -7.94 25.80 9.81
N THR F 94 -9.21 26.05 9.51
CA THR F 94 -10.14 25.02 9.06
C THR F 94 -10.18 25.04 7.54
N PHE F 95 -9.81 23.93 6.91
CA PHE F 95 -9.69 23.85 5.45
C PHE F 95 -11.03 23.43 4.87
N LEU F 96 -11.71 24.37 4.21
CA LEU F 96 -12.95 24.05 3.53
C LEU F 96 -12.72 23.48 2.13
N LYS F 97 -11.58 23.76 1.53
CA LYS F 97 -11.18 23.12 0.29
C LYS F 97 -10.46 21.80 0.59
N LEU F 98 -10.37 20.95 -0.42
CA LEU F 98 -9.68 19.67 -0.26
C LEU F 98 -8.20 19.92 0.00
N ALA F 99 -7.76 19.64 1.23
CA ALA F 99 -6.39 19.89 1.64
C ALA F 99 -5.81 18.63 2.28
N PHE F 100 -4.53 18.39 2.04
CA PHE F 100 -3.83 17.24 2.60
C PHE F 100 -2.62 17.71 3.40
N CYS F 101 -2.37 17.04 4.52
CA CYS F 101 -1.22 17.36 5.35
C CYS F 101 0.08 17.17 4.57
N ASP F 102 0.96 18.17 4.62
CA ASP F 102 2.22 18.10 3.90
C ASP F 102 3.18 17.07 4.48
N ILE F 103 2.84 16.45 5.61
CA ILE F 103 3.70 15.47 6.26
C ILE F 103 3.23 14.05 5.98
N CYS F 104 1.95 13.76 6.21
CA CYS F 104 1.42 12.41 6.05
C CYS F 104 0.52 12.25 4.84
N GLN F 105 0.25 13.32 4.10
CA GLN F 105 -0.54 13.28 2.87
C GLN F 105 -1.95 12.76 3.10
N LYS F 106 -2.50 12.99 4.30
CA LYS F 106 -3.84 12.53 4.63
C LYS F 106 -4.80 13.71 4.70
N PHE F 107 -6.10 13.38 4.69
CA PHE F 107 -7.15 14.40 4.69
C PHE F 107 -6.99 15.36 5.87
N LEU F 108 -7.07 16.65 5.59
CA LEU F 108 -6.82 17.69 6.57
C LEU F 108 -8.03 18.61 6.65
N LEU F 109 -8.66 18.64 7.82
CA LEU F 109 -9.78 19.55 8.07
C LEU F 109 -9.37 20.61 9.10
N ASN F 110 -9.22 20.22 10.36
CA ASN F 110 -8.66 21.10 11.38
C ASN F 110 -7.15 20.91 11.41
N GLY F 111 -6.42 21.96 11.07
CA GLY F 111 -4.96 21.88 11.04
C GLY F 111 -4.29 23.20 11.31
N PHE F 112 -3.00 23.28 11.01
CA PHE F 112 -2.21 24.48 11.20
C PHE F 112 -1.48 24.81 9.91
N ARG F 113 -1.38 26.10 9.61
CA ARG F 113 -0.72 26.57 8.40
C ARG F 113 0.24 27.71 8.76
N CYS F 114 1.41 27.69 8.13
CA CYS F 114 2.35 28.80 8.26
C CYS F 114 1.92 29.92 7.34
N GLN F 115 1.72 31.12 7.90
CA GLN F 115 1.26 32.25 7.11
C GLN F 115 2.31 32.77 6.14
N THR F 116 3.54 32.25 6.18
CA THR F 116 4.60 32.69 5.29
C THR F 116 4.78 31.74 4.11
N CYS F 117 5.07 30.47 4.37
CA CYS F 117 5.35 29.50 3.32
C CYS F 117 4.16 28.61 2.97
N GLY F 118 3.09 28.64 3.75
CA GLY F 118 1.91 27.85 3.46
C GLY F 118 1.97 26.41 3.90
N TYR F 119 2.97 26.03 4.69
CA TYR F 119 3.09 24.66 5.17
C TYR F 119 1.91 24.30 6.07
N LYS F 120 1.16 23.29 5.67
CA LYS F 120 -0.02 22.84 6.40
C LYS F 120 0.20 21.42 6.92
N PHE F 121 -0.38 21.13 8.09
CA PHE F 121 -0.11 19.88 8.77
C PHE F 121 -1.14 19.66 9.88
N HIS F 122 -1.31 18.38 10.24
CA HIS F 122 -2.11 18.04 11.41
C HIS F 122 -1.42 18.50 12.68
N GLU F 123 -2.13 18.40 13.81
CA GLU F 123 -1.51 18.70 15.08
C GLU F 123 -0.44 17.68 15.44
N HIS F 124 -0.76 16.39 15.28
CA HIS F 124 0.16 15.32 15.66
C HIS F 124 1.30 15.14 14.67
N CYS F 125 1.34 15.91 13.59
CA CYS F 125 2.43 15.88 12.62
C CYS F 125 3.39 17.05 12.78
N SER F 126 3.31 17.79 13.89
CA SER F 126 3.96 19.09 13.97
C SER F 126 5.47 18.97 14.16
N THR F 127 5.95 17.91 14.81
CA THR F 127 7.38 17.77 15.03
C THR F 127 8.15 17.46 13.75
N LYS F 128 7.48 16.93 12.73
CA LYS F 128 8.12 16.64 11.45
C LYS F 128 8.22 17.86 10.54
N VAL F 129 7.66 19.00 10.94
CA VAL F 129 7.73 20.21 10.12
C VAL F 129 9.16 20.73 10.12
N PRO F 130 9.71 21.15 8.98
CA PRO F 130 11.08 21.69 8.96
C PRO F 130 11.25 22.84 9.93
N THR F 131 12.42 22.89 10.57
CA THR F 131 12.67 23.89 11.60
C THR F 131 12.66 25.30 11.02
N MET F 132 13.26 25.50 9.85
CA MET F 132 13.37 26.83 9.26
C MET F 132 12.34 27.03 8.16
N CYS F 133 11.96 28.28 7.95
CA CYS F 133 10.96 28.67 6.97
C CYS F 133 11.67 29.26 5.75
N VAL F 134 11.31 28.76 4.57
CA VAL F 134 11.92 29.20 3.32
C VAL F 134 10.96 30.13 2.60
N ASP F 135 11.46 31.31 2.22
CA ASP F 135 10.62 32.36 1.62
C ASP F 135 11.37 32.96 0.44
N TRP F 136 10.99 32.57 -0.78
CA TRP F 136 11.59 33.13 -1.98
C TRP F 136 10.54 33.90 -2.77
N SER F 137 9.90 34.87 -2.13
CA SER F 137 8.88 35.69 -2.79
C SER F 137 9.53 36.85 -3.54
N MET G 2 -3.41 -24.65 -46.76
CA MET G 2 -4.13 -24.81 -45.50
C MET G 2 -3.55 -23.90 -44.42
N THR G 3 -4.37 -22.99 -43.92
CA THR G 3 -3.94 -22.02 -42.92
C THR G 3 -4.02 -22.61 -41.52
N GLU G 4 -2.97 -22.38 -40.73
CA GLU G 4 -2.85 -22.95 -39.40
C GLU G 4 -3.21 -21.89 -38.35
N TYR G 5 -3.94 -22.33 -37.32
CA TYR G 5 -4.31 -21.48 -36.20
C TYR G 5 -3.94 -22.19 -34.90
N LYS G 6 -3.18 -21.50 -34.05
CA LYS G 6 -2.75 -22.04 -32.76
C LYS G 6 -3.62 -21.47 -31.66
N LEU G 7 -4.54 -22.28 -31.15
CA LEU G 7 -5.48 -21.86 -30.11
C LEU G 7 -5.05 -22.41 -28.76
N VAL G 8 -5.24 -21.62 -27.71
CA VAL G 8 -4.92 -22.01 -26.35
C VAL G 8 -6.19 -21.92 -25.51
N VAL G 9 -6.50 -22.98 -24.78
CA VAL G 9 -7.68 -23.04 -23.93
C VAL G 9 -7.22 -22.86 -22.49
N VAL G 10 -7.52 -21.70 -21.91
CA VAL G 10 -7.12 -21.38 -20.54
C VAL G 10 -8.36 -21.28 -19.68
N GLY G 11 -8.15 -21.36 -18.37
CA GLY G 11 -9.24 -21.28 -17.42
C GLY G 11 -8.93 -22.08 -16.18
N ALA G 12 -9.73 -21.83 -15.14
CA ALA G 12 -9.56 -22.53 -13.88
C ALA G 12 -9.88 -24.01 -14.04
N GLY G 13 -9.38 -24.81 -13.10
CA GLY G 13 -9.57 -26.25 -13.18
C GLY G 13 -11.01 -26.63 -12.88
N GLY G 14 -11.57 -27.51 -13.72
CA GLY G 14 -12.92 -28.01 -13.53
C GLY G 14 -13.97 -27.32 -14.37
N VAL G 15 -13.63 -26.24 -15.07
CA VAL G 15 -14.61 -25.51 -15.86
C VAL G 15 -14.97 -26.20 -17.16
N GLY G 16 -14.29 -27.29 -17.50
CA GLY G 16 -14.57 -28.03 -18.72
C GLY G 16 -13.68 -27.69 -19.89
N LYS G 17 -12.43 -27.31 -19.67
CA LYS G 17 -11.54 -27.00 -20.78
C LYS G 17 -11.30 -28.23 -21.65
N SER G 18 -11.09 -29.39 -21.02
CA SER G 18 -10.84 -30.61 -21.79
C SER G 18 -12.11 -31.12 -22.45
N ALA G 19 -13.24 -31.04 -21.75
CA ALA G 19 -14.49 -31.53 -22.31
C ALA G 19 -14.89 -30.74 -23.55
N LEU G 20 -14.61 -29.43 -23.56
CA LEU G 20 -14.93 -28.62 -24.73
C LEU G 20 -14.03 -28.97 -25.90
N THR G 21 -12.74 -29.21 -25.65
CA THR G 21 -11.81 -29.52 -26.72
C THR G 21 -12.09 -30.89 -27.32
N ILE G 22 -12.32 -31.90 -26.47
CA ILE G 22 -12.61 -33.23 -26.97
C ILE G 22 -13.97 -33.27 -27.68
N GLN G 23 -14.91 -32.44 -27.24
CA GLN G 23 -16.20 -32.35 -27.93
C GLN G 23 -16.03 -31.78 -29.33
N LEU G 24 -15.05 -30.89 -29.53
CA LEU G 24 -14.88 -30.27 -30.83
C LEU G 24 -14.23 -31.22 -31.82
N ILE G 25 -13.21 -31.98 -31.38
CA ILE G 25 -12.43 -32.82 -32.29
C ILE G 25 -12.92 -34.27 -32.31
N GLN G 26 -13.87 -34.64 -31.45
CA GLN G 26 -14.34 -36.02 -31.42
C GLN G 26 -15.85 -36.18 -31.30
N ASN G 27 -16.60 -35.11 -31.03
CA ASN G 27 -18.04 -35.19 -30.80
C ASN G 27 -18.36 -36.21 -29.70
N HIS G 28 -17.56 -36.16 -28.64
CA HIS G 28 -17.68 -37.09 -27.52
C HIS G 28 -17.51 -36.33 -26.22
N PHE G 29 -18.43 -36.55 -25.28
CA PHE G 29 -18.42 -35.88 -23.99
C PHE G 29 -17.77 -36.79 -22.95
N VAL G 30 -16.63 -36.36 -22.42
CA VAL G 30 -15.93 -37.11 -21.39
C VAL G 30 -16.60 -36.82 -20.05
N ASP G 31 -17.38 -37.79 -19.55
CA ASP G 31 -18.06 -37.60 -18.27
C ASP G 31 -17.07 -37.65 -17.11
N GLU G 32 -16.01 -38.44 -17.22
CA GLU G 32 -15.02 -38.55 -16.17
C GLU G 32 -14.21 -37.26 -16.05
N TYR G 33 -13.47 -37.15 -14.94
CA TYR G 33 -12.65 -35.99 -14.65
C TYR G 33 -11.19 -36.42 -14.65
N ASP G 34 -10.44 -35.95 -15.65
CA ASP G 34 -9.00 -36.20 -15.74
C ASP G 34 -8.28 -34.86 -15.70
N PRO G 35 -7.65 -34.50 -14.58
CA PRO G 35 -6.93 -33.22 -14.51
C PRO G 35 -5.81 -33.14 -15.54
N THR G 36 -5.97 -32.27 -16.53
CA THR G 36 -5.00 -32.14 -17.60
C THR G 36 -3.73 -31.46 -17.10
N ILE G 37 -2.59 -31.96 -17.56
CA ILE G 37 -1.30 -31.31 -17.34
C ILE G 37 -0.86 -30.54 -18.59
N GLU G 38 -0.91 -31.20 -19.75
CA GLU G 38 -0.61 -30.59 -21.03
C GLU G 38 -1.05 -31.53 -22.15
N ASP G 39 -1.90 -31.05 -23.05
CA ASP G 39 -2.41 -31.87 -24.15
C ASP G 39 -2.52 -31.01 -25.40
N SER G 40 -1.79 -31.39 -26.44
CA SER G 40 -1.82 -30.71 -27.72
C SER G 40 -2.58 -31.56 -28.73
N TYR G 41 -3.59 -30.96 -29.37
CA TYR G 41 -4.40 -31.63 -30.36
C TYR G 41 -4.34 -30.90 -31.69
N ARG G 42 -4.48 -31.64 -32.78
CA ARG G 42 -4.53 -31.09 -34.12
C ARG G 42 -5.72 -31.67 -34.87
N LYS G 43 -6.45 -30.81 -35.56
CA LYS G 43 -7.68 -31.21 -36.24
C LYS G 43 -7.92 -30.26 -37.41
N GLN G 44 -8.23 -30.83 -38.57
CA GLN G 44 -8.57 -30.04 -39.75
C GLN G 44 -10.07 -29.78 -39.75
N VAL G 45 -10.45 -28.50 -39.78
CA VAL G 45 -11.85 -28.11 -39.83
C VAL G 45 -12.03 -27.10 -40.97
N VAL G 46 -13.29 -26.90 -41.34
CA VAL G 46 -13.66 -25.92 -42.36
C VAL G 46 -14.40 -24.79 -41.67
N ILE G 47 -13.86 -23.58 -41.79
CA ILE G 47 -14.43 -22.38 -41.17
C ILE G 47 -14.60 -21.32 -42.25
N ASP G 48 -15.84 -20.89 -42.46
CA ASP G 48 -16.17 -19.88 -43.47
C ASP G 48 -15.72 -20.31 -44.87
N GLY G 49 -15.79 -21.62 -45.15
CA GLY G 49 -15.42 -22.13 -46.45
C GLY G 49 -13.94 -22.34 -46.67
N GLU G 50 -13.12 -22.19 -45.64
CA GLU G 50 -11.68 -22.36 -45.74
C GLU G 50 -11.22 -23.53 -44.89
N THR G 51 -10.33 -24.35 -45.45
CA THR G 51 -9.77 -25.49 -44.72
C THR G 51 -8.74 -24.97 -43.72
N CYS G 52 -9.04 -25.12 -42.43
CA CYS G 52 -8.20 -24.60 -41.37
C CYS G 52 -7.59 -25.75 -40.58
N LEU G 53 -6.32 -25.59 -40.20
CA LEU G 53 -5.62 -26.56 -39.36
C LEU G 53 -5.53 -25.98 -37.95
N LEU G 54 -6.38 -26.50 -37.05
CA LEU G 54 -6.42 -26.04 -35.68
C LEU G 54 -5.39 -26.78 -34.85
N ASP G 55 -4.55 -26.03 -34.13
CA ASP G 55 -3.60 -26.58 -33.18
C ASP G 55 -4.03 -26.12 -31.79
N ILE G 56 -4.76 -26.97 -31.09
CA ILE G 56 -5.38 -26.63 -29.81
C ILE G 56 -4.51 -27.16 -28.68
N LEU G 57 -4.14 -26.28 -27.75
CA LEU G 57 -3.40 -26.66 -26.57
C LEU G 57 -4.33 -26.60 -25.35
N ASP G 58 -4.49 -27.73 -24.69
CA ASP G 58 -5.34 -27.82 -23.50
C ASP G 58 -4.46 -27.61 -22.27
N THR G 59 -4.70 -26.52 -21.55
CA THR G 59 -3.87 -26.15 -20.41
C THR G 59 -4.40 -26.79 -19.13
N ALA G 60 -3.68 -26.55 -18.03
CA ALA G 60 -4.04 -27.05 -16.72
C ALA G 60 -4.75 -25.96 -15.91
N GLY G 61 -5.31 -26.38 -14.77
CA GLY G 61 -5.96 -25.41 -13.89
C GLY G 61 -4.95 -24.52 -13.18
N GLN G 62 -3.95 -25.13 -12.55
CA GLN G 62 -2.93 -24.37 -11.84
C GLN G 62 -1.67 -24.21 -12.69
N ASP G 70 5.20 -21.85 -18.43
CA ASP G 70 3.99 -21.74 -19.23
C ASP G 70 4.18 -20.71 -20.35
N GLN G 71 5.31 -20.81 -21.06
CA GLN G 71 5.63 -19.89 -22.13
C GLN G 71 4.76 -20.09 -23.37
N TYR G 72 3.85 -21.06 -23.36
CA TYR G 72 3.00 -21.32 -24.52
C TYR G 72 2.13 -20.14 -24.86
N MET G 73 1.89 -19.23 -23.91
CA MET G 73 1.07 -18.05 -24.19
C MET G 73 1.69 -17.14 -25.23
N ARG G 74 3.02 -17.18 -25.40
CA ARG G 74 3.66 -16.36 -26.41
C ARG G 74 3.40 -16.91 -27.81
N THR G 75 3.63 -18.21 -28.01
CA THR G 75 3.45 -18.80 -29.33
C THR G 75 1.99 -19.00 -29.68
N GLY G 76 1.10 -18.98 -28.71
CA GLY G 76 -0.33 -19.10 -29.00
C GLY G 76 -0.86 -17.84 -29.64
N GLU G 77 -1.78 -18.01 -30.60
CA GLU G 77 -2.32 -16.90 -31.35
C GLU G 77 -3.74 -16.54 -30.94
N GLY G 78 -4.50 -17.49 -30.42
CA GLY G 78 -5.83 -17.21 -29.89
C GLY G 78 -6.02 -17.88 -28.56
N PHE G 79 -6.87 -17.28 -27.73
CA PHE G 79 -7.06 -17.75 -26.37
C PHE G 79 -8.55 -17.87 -26.07
N LEU G 80 -8.94 -19.03 -25.56
CA LEU G 80 -10.33 -19.34 -25.22
C LEU G 80 -10.42 -19.36 -23.70
N CYS G 81 -10.90 -18.27 -23.10
CA CYS G 81 -11.02 -18.16 -21.66
C CYS G 81 -12.31 -18.81 -21.21
N VAL G 82 -12.21 -19.90 -20.46
CA VAL G 82 -13.36 -20.70 -20.07
C VAL G 82 -13.57 -20.56 -18.57
N PHE G 83 -14.84 -20.44 -18.17
CA PHE G 83 -15.24 -20.48 -16.77
C PHE G 83 -16.57 -21.21 -16.66
N ALA G 84 -16.84 -21.73 -15.47
CA ALA G 84 -18.08 -22.44 -15.20
C ALA G 84 -19.08 -21.48 -14.55
N ILE G 85 -20.29 -21.43 -15.09
CA ILE G 85 -21.30 -20.52 -14.57
C ILE G 85 -21.82 -20.97 -13.21
N ASN G 86 -21.63 -22.24 -12.85
CA ASN G 86 -22.01 -22.73 -11.53
C ASN G 86 -20.87 -22.65 -10.53
N ASN G 87 -19.86 -21.82 -10.81
CA ASN G 87 -18.73 -21.63 -9.89
C ASN G 87 -18.29 -20.18 -10.03
N THR G 88 -18.65 -19.36 -9.03
CA THR G 88 -18.30 -17.93 -9.08
C THR G 88 -16.79 -17.73 -8.99
N LYS G 89 -16.08 -18.61 -8.28
CA LYS G 89 -14.63 -18.50 -8.20
C LYS G 89 -13.98 -18.64 -9.57
N SER G 90 -14.57 -19.46 -10.44
CA SER G 90 -14.04 -19.62 -11.78
C SER G 90 -14.17 -18.34 -12.59
N PHE G 91 -15.22 -17.55 -12.35
CA PHE G 91 -15.41 -16.30 -13.09
C PHE G 91 -14.48 -15.21 -12.59
N GLU G 92 -14.13 -15.22 -11.30
CA GLU G 92 -13.23 -14.20 -10.78
C GLU G 92 -11.81 -14.39 -11.32
N ASP G 93 -11.38 -15.65 -11.50
CA ASP G 93 -10.05 -15.91 -12.01
C ASP G 93 -9.91 -15.57 -13.49
N ILE G 94 -11.01 -15.25 -14.18
CA ILE G 94 -10.93 -14.92 -15.60
C ILE G 94 -10.06 -13.70 -15.83
N HIS G 95 -10.23 -12.66 -15.00
CA HIS G 95 -9.43 -11.45 -15.16
C HIS G 95 -7.96 -11.70 -14.89
N HIS G 96 -7.62 -12.76 -14.16
CA HIS G 96 -6.21 -13.10 -13.96
C HIS G 96 -5.58 -13.61 -15.26
N TYR G 97 -6.26 -14.52 -15.95
CA TYR G 97 -5.76 -14.99 -17.23
C TYR G 97 -5.73 -13.87 -18.27
N ARG G 98 -6.67 -12.93 -18.20
CA ARG G 98 -6.70 -11.82 -19.13
C ARG G 98 -5.43 -10.98 -19.04
N GLU G 99 -5.03 -10.64 -17.81
CA GLU G 99 -3.81 -9.85 -17.64
C GLU G 99 -2.57 -10.66 -17.95
N GLN G 100 -2.58 -11.96 -17.64
CA GLN G 100 -1.41 -12.79 -17.89
C GLN G 100 -1.17 -12.97 -19.38
N ILE G 101 -2.23 -13.08 -20.18
CA ILE G 101 -2.08 -13.25 -21.62
C ILE G 101 -1.57 -11.96 -22.25
N LYS G 102 -2.21 -10.84 -21.94
CA LYS G 102 -1.77 -9.55 -22.49
C LYS G 102 -0.37 -9.18 -22.05
N ARG G 103 0.10 -9.73 -20.93
CA ARG G 103 1.45 -9.41 -20.46
C ARG G 103 2.50 -10.14 -21.29
N VAL G 104 2.30 -11.44 -21.52
CA VAL G 104 3.28 -12.20 -22.29
C VAL G 104 3.21 -11.84 -23.76
N LYS G 105 2.00 -11.71 -24.32
CA LYS G 105 1.84 -11.32 -25.71
C LYS G 105 2.39 -9.93 -25.98
N ASP G 106 2.51 -9.10 -24.94
CA ASP G 106 3.08 -7.75 -25.06
C ASP G 106 2.27 -6.89 -26.03
N SER G 107 0.94 -7.04 -25.98
CA SER G 107 0.06 -6.30 -26.88
C SER G 107 -1.32 -6.21 -26.25
N GLU G 108 -1.99 -5.10 -26.50
CA GLU G 108 -3.35 -4.92 -26.00
C GLU G 108 -4.36 -5.70 -26.82
N ASP G 109 -4.18 -5.75 -28.14
CA ASP G 109 -5.08 -6.46 -29.04
C ASP G 109 -4.61 -7.90 -29.14
N VAL G 110 -5.27 -8.78 -28.40
CA VAL G 110 -4.98 -10.21 -28.42
C VAL G 110 -6.29 -10.93 -28.75
N PRO G 111 -6.32 -11.79 -29.77
CA PRO G 111 -7.56 -12.52 -30.08
C PRO G 111 -7.97 -13.39 -28.90
N MET G 112 -9.14 -13.08 -28.34
CA MET G 112 -9.60 -13.72 -27.11
C MET G 112 -11.11 -13.84 -27.16
N VAL G 113 -11.62 -14.91 -26.55
CA VAL G 113 -13.05 -15.17 -26.48
C VAL G 113 -13.39 -15.65 -25.07
N LEU G 114 -14.35 -14.98 -24.44
CA LEU G 114 -14.83 -15.42 -23.13
C LEU G 114 -15.89 -16.50 -23.31
N VAL G 115 -15.73 -17.60 -22.59
CA VAL G 115 -16.62 -18.76 -22.72
C VAL G 115 -17.17 -19.13 -21.36
N GLY G 116 -18.48 -19.20 -21.25
CA GLY G 116 -19.15 -19.67 -20.05
C GLY G 116 -19.70 -21.06 -20.22
N ASN G 117 -19.00 -22.06 -19.69
CA ASN G 117 -19.36 -23.45 -19.88
C ASN G 117 -20.38 -23.90 -18.84
N LYS G 118 -20.95 -25.09 -19.07
CA LYS G 118 -21.90 -25.73 -18.15
C LYS G 118 -23.19 -24.92 -18.02
N CYS G 119 -23.77 -24.56 -19.17
CA CYS G 119 -25.04 -23.85 -19.19
C CYS G 119 -26.24 -24.78 -19.12
N ASP G 120 -26.04 -26.08 -19.31
CA ASP G 120 -27.14 -27.05 -19.21
C ASP G 120 -27.51 -27.37 -17.76
N LEU G 121 -26.70 -26.96 -16.79
CA LEU G 121 -27.01 -27.22 -15.40
C LEU G 121 -27.95 -26.14 -14.85
N PRO G 122 -28.83 -26.52 -13.92
CA PRO G 122 -29.79 -25.55 -13.36
C PRO G 122 -29.35 -24.86 -12.08
N SER G 123 -28.07 -24.96 -11.70
CA SER G 123 -27.59 -24.30 -10.50
C SER G 123 -26.62 -23.18 -10.86
N ARG G 124 -27.10 -22.19 -11.61
CA ARG G 124 -26.27 -21.09 -12.06
C ARG G 124 -26.01 -20.12 -10.91
N THR G 125 -24.74 -19.79 -10.68
CA THR G 125 -24.35 -18.81 -9.67
C THR G 125 -23.72 -17.56 -10.26
N VAL G 126 -23.41 -17.56 -11.55
CA VAL G 126 -22.82 -16.41 -12.24
C VAL G 126 -23.87 -15.89 -13.21
N ASP G 127 -24.36 -14.68 -12.96
CA ASP G 127 -25.37 -14.08 -13.81
C ASP G 127 -24.80 -13.80 -15.20
N THR G 128 -25.68 -13.81 -16.20
CA THR G 128 -25.24 -13.61 -17.58
C THR G 128 -24.82 -12.16 -17.83
N LYS G 129 -25.36 -11.21 -17.06
CA LYS G 129 -24.98 -9.82 -17.24
C LYS G 129 -23.55 -9.55 -16.77
N GLN G 130 -23.12 -10.27 -15.73
CA GLN G 130 -21.76 -10.09 -15.22
C GLN G 130 -20.72 -10.43 -16.29
N ALA G 131 -20.96 -11.49 -17.06
CA ALA G 131 -20.00 -11.88 -18.08
C ALA G 131 -20.05 -10.96 -19.28
N GLN G 132 -21.24 -10.50 -19.65
CA GLN G 132 -21.36 -9.59 -20.79
C GLN G 132 -20.69 -8.25 -20.50
N ASP G 133 -20.81 -7.76 -19.26
CA ASP G 133 -20.15 -6.51 -18.90
C ASP G 133 -18.63 -6.67 -18.83
N LEU G 134 -18.15 -7.85 -18.44
CA LEU G 134 -16.71 -8.11 -18.42
C LEU G 134 -16.17 -8.32 -19.83
N ALA G 135 -16.96 -8.94 -20.72
CA ALA G 135 -16.49 -9.16 -22.08
C ALA G 135 -16.54 -7.88 -22.90
N ARG G 136 -17.48 -6.97 -22.59
CA ARG G 136 -17.56 -5.71 -23.32
C ARG G 136 -16.43 -4.76 -22.93
N SER G 137 -16.02 -4.79 -21.65
CA SER G 137 -14.90 -3.96 -21.24
C SER G 137 -13.59 -4.44 -21.86
N TYR G 138 -13.42 -5.75 -21.99
CA TYR G 138 -12.24 -6.29 -22.66
C TYR G 138 -12.32 -6.16 -24.18
N GLY G 139 -13.53 -5.99 -24.73
CA GLY G 139 -13.70 -5.94 -26.16
C GLY G 139 -13.69 -7.28 -26.85
N ILE G 140 -13.99 -8.36 -26.13
CA ILE G 140 -13.96 -9.71 -26.69
C ILE G 140 -15.36 -10.30 -26.66
N PRO G 141 -15.69 -11.22 -27.56
CA PRO G 141 -17.03 -11.83 -27.53
C PRO G 141 -17.20 -12.78 -26.35
N PHE G 142 -18.45 -12.95 -25.95
CA PHE G 142 -18.82 -13.88 -24.89
C PHE G 142 -19.82 -14.88 -25.43
N ILE G 143 -19.62 -16.16 -25.14
CA ILE G 143 -20.46 -17.24 -25.64
C ILE G 143 -20.69 -18.23 -24.51
N GLU G 144 -21.96 -18.60 -24.30
CA GLU G 144 -22.31 -19.64 -23.34
C GLU G 144 -22.37 -20.99 -24.05
N THR G 145 -21.62 -21.96 -23.55
CA THR G 145 -21.48 -23.26 -24.20
C THR G 145 -21.84 -24.38 -23.22
N SER G 146 -21.96 -25.58 -23.77
CA SER G 146 -22.24 -26.77 -22.97
C SER G 146 -21.55 -27.95 -23.63
N ALA G 147 -20.52 -28.49 -22.98
CA ALA G 147 -19.82 -29.65 -23.52
C ALA G 147 -20.65 -30.92 -23.42
N LYS G 148 -21.66 -30.94 -22.57
CA LYS G 148 -22.48 -32.14 -22.40
C LYS G 148 -23.45 -32.32 -23.56
N THR G 149 -24.07 -31.24 -24.02
CA THR G 149 -25.02 -31.29 -25.12
C THR G 149 -24.46 -30.71 -26.42
N ARG G 150 -23.19 -30.30 -26.42
CA ARG G 150 -22.54 -29.72 -27.59
C ARG G 150 -23.33 -28.51 -28.11
N GLN G 151 -23.60 -27.58 -27.20
CA GLN G 151 -24.35 -26.37 -27.53
C GLN G 151 -23.35 -25.24 -27.80
N ARG G 152 -23.29 -24.80 -29.06
CA ARG G 152 -22.45 -23.69 -29.47
C ARG G 152 -20.97 -23.96 -29.20
N VAL G 153 -20.57 -25.23 -29.18
CA VAL G 153 -19.17 -25.56 -28.97
C VAL G 153 -18.34 -25.16 -30.18
N GLU G 154 -18.78 -25.54 -31.38
CA GLU G 154 -18.10 -25.11 -32.59
C GLU G 154 -18.19 -23.60 -32.76
N ASP G 155 -19.29 -22.99 -32.31
CA ASP G 155 -19.44 -21.55 -32.43
C ASP G 155 -18.40 -20.80 -31.61
N ALA G 156 -18.00 -21.37 -30.46
CA ALA G 156 -16.98 -20.72 -29.64
C ALA G 156 -15.61 -20.84 -30.26
N PHE G 157 -15.27 -22.00 -30.80
CA PHE G 157 -13.96 -22.18 -31.43
C PHE G 157 -13.88 -21.43 -32.76
N TYR G 158 -14.96 -21.46 -33.55
CA TYR G 158 -14.94 -20.78 -34.84
C TYR G 158 -14.89 -19.26 -34.66
N THR G 159 -15.46 -18.74 -33.57
CA THR G 159 -15.40 -17.31 -33.32
C THR G 159 -13.98 -16.86 -33.03
N LEU G 160 -13.23 -17.66 -32.25
CA LEU G 160 -11.84 -17.31 -31.96
C LEU G 160 -10.99 -17.32 -33.24
N VAL G 161 -11.28 -18.24 -34.15
CA VAL G 161 -10.54 -18.30 -35.41
C VAL G 161 -10.85 -17.08 -36.26
N ARG G 162 -12.13 -16.67 -36.30
CA ARG G 162 -12.49 -15.49 -37.08
C ARG G 162 -11.83 -14.23 -36.54
N GLU G 163 -11.52 -14.20 -35.25
CA GLU G 163 -10.81 -13.05 -34.68
C GLU G 163 -9.34 -13.06 -35.07
N ILE G 164 -8.70 -14.24 -35.06
CA ILE G 164 -7.33 -14.34 -35.54
C ILE G 164 -7.27 -14.00 -37.02
N ARG G 165 -8.26 -14.46 -37.78
CA ARG G 165 -8.31 -14.18 -39.22
C ARG G 165 -8.38 -12.67 -39.48
N GLN G 166 -9.06 -11.93 -38.60
CA GLN G 166 -9.13 -10.48 -38.75
C GLN G 166 -7.91 -9.79 -38.17
N TYR G 167 -7.34 -10.33 -37.08
CA TYR G 167 -6.15 -9.73 -36.50
C TYR G 167 -4.95 -9.84 -37.43
N ARG G 168 -4.90 -10.88 -38.25
CA ARG G 168 -3.83 -11.02 -39.23
C ARG G 168 -4.02 -10.11 -40.44
N LEU G 169 -5.24 -9.67 -40.71
CA LEU G 169 -5.51 -8.84 -41.88
C LEU G 169 -5.11 -7.38 -41.68
N LYS G 170 -4.68 -7.00 -40.48
CA LYS G 170 -4.28 -5.63 -40.22
C LYS G 170 -2.75 -5.51 -40.11
N THR H 6 5.30 -38.33 -13.59
CA THR H 6 4.83 -37.78 -14.86
C THR H 6 5.86 -37.98 -15.97
N ILE H 7 5.37 -38.18 -17.19
CA ILE H 7 6.22 -38.40 -18.35
C ILE H 7 5.69 -37.55 -19.51
N ARG H 8 6.60 -36.87 -20.20
CA ARG H 8 6.26 -36.07 -21.37
C ARG H 8 6.42 -36.93 -22.62
N VAL H 9 5.31 -37.20 -23.31
CA VAL H 9 5.29 -38.12 -24.44
C VAL H 9 4.90 -37.33 -25.69
N PHE H 10 5.77 -37.36 -26.70
CA PHE H 10 5.45 -36.75 -27.98
C PHE H 10 4.65 -37.73 -28.83
N LEU H 11 3.57 -37.24 -29.44
CA LEU H 11 2.62 -38.05 -30.17
C LEU H 11 2.71 -37.80 -31.67
N PRO H 12 2.21 -38.73 -32.49
CA PRO H 12 2.27 -38.52 -33.95
C PRO H 12 1.51 -37.29 -34.38
N ASN H 13 1.88 -36.79 -35.57
CA ASN H 13 1.27 -35.62 -36.19
C ASN H 13 1.41 -34.39 -35.30
N LYS H 14 2.65 -34.15 -34.83
CA LYS H 14 3.02 -32.90 -34.15
C LYS H 14 2.15 -32.64 -32.92
N GLN H 15 2.00 -33.66 -32.09
CA GLN H 15 1.19 -33.56 -30.88
C GLN H 15 1.99 -34.08 -29.69
N ARG H 16 1.53 -33.73 -28.49
CA ARG H 16 2.22 -34.11 -27.27
C ARG H 16 1.24 -34.18 -26.11
N THR H 17 1.65 -34.87 -25.05
CA THR H 17 0.83 -35.00 -23.86
C THR H 17 1.73 -35.32 -22.68
N VAL H 18 1.22 -35.03 -21.48
CA VAL H 18 1.89 -35.36 -20.23
C VAL H 18 0.97 -36.27 -19.43
N VAL H 19 1.46 -37.47 -19.12
CA VAL H 19 0.65 -38.50 -18.48
C VAL H 19 1.09 -38.69 -17.04
N ASN H 20 0.13 -38.96 -16.17
CA ASN H 20 0.40 -39.26 -14.76
C ASN H 20 0.66 -40.74 -14.61
N VAL H 21 1.83 -41.09 -14.10
CA VAL H 21 2.22 -42.49 -13.92
C VAL H 21 1.75 -42.95 -12.54
N ARG H 22 0.96 -44.01 -12.51
CA ARG H 22 0.49 -44.61 -11.27
C ARG H 22 1.23 -45.93 -11.02
N ASN H 23 0.90 -46.55 -9.88
CA ASN H 23 1.60 -47.76 -9.47
C ASN H 23 1.29 -48.91 -10.42
N GLY H 24 2.35 -49.54 -10.94
CA GLY H 24 2.21 -50.68 -11.83
C GLY H 24 1.68 -50.37 -13.21
N MET H 25 1.41 -49.11 -13.52
CA MET H 25 0.85 -48.75 -14.80
C MET H 25 1.91 -48.86 -15.90
N SER H 26 1.53 -49.45 -17.02
CA SER H 26 2.46 -49.64 -18.13
C SER H 26 2.34 -48.48 -19.12
N LEU H 27 3.27 -48.46 -20.08
CA LEU H 27 3.23 -47.43 -21.11
C LEU H 27 1.95 -47.48 -21.92
N HIS H 28 1.47 -48.70 -22.21
CA HIS H 28 0.22 -48.83 -22.96
C HIS H 28 -0.96 -48.32 -22.16
N ASP H 29 -0.96 -48.56 -20.85
CA ASP H 29 -2.06 -48.09 -20.00
C ASP H 29 -2.05 -46.58 -19.87
N CYS H 30 -0.89 -45.95 -19.99
CA CYS H 30 -0.80 -44.50 -19.79
C CYS H 30 -1.13 -43.72 -21.06
N LEU H 31 -0.95 -44.32 -22.23
CA LEU H 31 -1.05 -43.61 -23.49
C LEU H 31 -2.24 -44.01 -24.35
N MET H 32 -3.02 -45.02 -23.93
CA MET H 32 -4.10 -45.50 -24.77
C MET H 32 -5.18 -44.43 -24.96
N LYS H 33 -5.57 -43.75 -23.88
CA LYS H 33 -6.59 -42.72 -24.00
C LYS H 33 -6.08 -41.52 -24.80
N ALA H 34 -4.80 -41.18 -24.63
CA ALA H 34 -4.24 -40.04 -25.37
C ALA H 34 -4.25 -40.29 -26.88
N LEU H 35 -4.04 -41.55 -27.29
CA LEU H 35 -4.06 -41.87 -28.70
C LEU H 35 -5.48 -42.01 -29.24
N LYS H 36 -6.42 -42.49 -28.42
CA LYS H 36 -7.77 -42.71 -28.89
C LYS H 36 -8.48 -41.39 -29.21
N VAL H 37 -8.36 -40.40 -28.31
CA VAL H 37 -9.03 -39.13 -28.54
C VAL H 37 -8.42 -38.38 -29.71
N ARG H 38 -7.21 -38.74 -30.13
CA ARG H 38 -6.57 -38.14 -31.29
C ARG H 38 -6.75 -38.98 -32.55
N GLY H 39 -7.63 -39.98 -32.52
CA GLY H 39 -7.90 -40.79 -33.70
C GLY H 39 -6.77 -41.72 -34.09
N LEU H 40 -5.94 -42.14 -33.13
CA LEU H 40 -4.81 -43.01 -33.40
C LEU H 40 -5.03 -44.35 -32.72
N GLN H 41 -4.86 -45.42 -33.49
CA GLN H 41 -4.98 -46.71 -32.81
C GLN H 41 -3.61 -47.17 -32.30
N PRO H 42 -3.56 -47.69 -31.07
CA PRO H 42 -2.26 -48.10 -30.51
C PRO H 42 -1.59 -49.23 -31.26
N GLU H 43 -2.34 -50.05 -31.98
CA GLU H 43 -1.76 -51.18 -32.71
C GLU H 43 -0.93 -50.73 -33.90
N CAF H 44 -1.03 -49.45 -34.25
CA CAF H 44 -0.31 -48.91 -35.40
CB CAF H 44 -1.26 -48.10 -36.27
C CAF H 44 0.86 -48.04 -34.94
O CAF H 44 1.48 -47.41 -35.74
SG CAF H 44 -2.82 -49.01 -36.43
AS CAF H 44 -3.17 -49.45 -38.59
CE1 CAF H 44 -2.11 -51.02 -39.13
CE2 CAF H 44 -2.60 -47.89 -39.64
O1 CAF H 44 -4.89 -49.77 -38.90
N CYS H 45 1.13 -48.04 -33.65
CA CYS H 45 2.15 -47.16 -33.08
C CYS H 45 3.13 -47.90 -32.20
N ALA H 46 4.27 -47.26 -31.96
CA ALA H 46 5.28 -47.77 -31.04
C ALA H 46 5.80 -46.60 -30.21
N VAL H 47 6.17 -46.89 -28.96
CA VAL H 47 6.69 -45.89 -28.04
C VAL H 47 8.20 -46.02 -27.99
N PHE H 48 8.89 -44.88 -28.03
CA PHE H 48 10.35 -44.84 -28.11
C PHE H 48 10.92 -44.01 -26.95
N ARG H 49 12.17 -44.30 -26.62
CA ARG H 49 12.94 -43.53 -25.65
C ARG H 49 13.99 -42.72 -26.39
N LEU H 50 14.00 -41.41 -26.15
CA LEU H 50 14.90 -40.51 -26.87
C LEU H 50 16.33 -40.65 -26.36
N LEU H 51 17.27 -40.86 -27.29
CA LEU H 51 18.68 -40.94 -26.99
C LEU H 51 19.36 -39.62 -27.33
N HIS H 52 20.55 -39.42 -26.76
CA HIS H 52 21.31 -38.19 -26.95
C HIS H 52 22.80 -38.49 -27.04
N GLU H 53 23.16 -39.46 -27.89
CA GLU H 53 24.55 -39.86 -28.04
C GLU H 53 24.96 -39.96 -29.51
N HIS H 54 24.26 -39.25 -30.40
CA HIS H 54 24.57 -39.18 -31.84
C HIS H 54 24.80 -40.54 -32.48
N LYS H 55 24.34 -41.61 -31.84
CA LYS H 55 24.43 -42.97 -32.37
C LYS H 55 23.06 -43.62 -32.36
N GLY H 56 22.07 -42.92 -32.92
CA GLY H 56 20.68 -43.37 -32.90
C GLY H 56 19.85 -42.36 -32.14
N LYS H 57 18.74 -41.94 -32.77
CA LYS H 57 17.89 -40.92 -32.17
C LYS H 57 17.04 -41.48 -31.04
N LYS H 58 16.48 -42.68 -31.22
CA LYS H 58 15.55 -43.22 -30.25
C LYS H 58 15.59 -44.75 -30.28
N ALA H 59 15.28 -45.34 -29.13
CA ALA H 59 15.24 -46.79 -28.96
C ALA H 59 13.80 -47.20 -28.65
N ARG H 60 13.34 -48.25 -29.33
CA ARG H 60 11.96 -48.70 -29.18
C ARG H 60 11.78 -49.46 -27.86
N LEU H 61 10.68 -49.14 -27.17
CA LEU H 61 10.34 -49.77 -25.92
C LEU H 61 9.11 -50.65 -26.08
N ASP H 62 9.06 -51.72 -25.29
CA ASP H 62 7.89 -52.59 -25.27
C ASP H 62 6.70 -51.83 -24.68
N TRP H 63 5.51 -52.06 -25.24
CA TRP H 63 4.33 -51.34 -24.78
C TRP H 63 3.97 -51.69 -23.34
N ASN H 64 4.25 -52.90 -22.89
CA ASN H 64 3.95 -53.32 -21.53
C ASN H 64 5.06 -52.98 -20.54
N THR H 65 5.91 -52.01 -20.87
CA THR H 65 6.96 -51.58 -19.97
C THR H 65 6.38 -50.70 -18.86
N ASP H 66 6.86 -50.92 -17.64
CA ASP H 66 6.42 -50.11 -16.50
C ASP H 66 6.84 -48.66 -16.71
N ALA H 67 5.86 -47.76 -16.75
CA ALA H 67 6.14 -46.35 -16.98
C ALA H 67 6.93 -45.72 -15.84
N ALA H 68 6.86 -46.29 -14.64
CA ALA H 68 7.57 -45.70 -13.50
C ALA H 68 9.08 -45.73 -13.71
N SER H 69 9.59 -46.72 -14.43
CA SER H 69 11.02 -46.81 -14.71
C SER H 69 11.48 -45.81 -15.76
N LEU H 70 10.56 -45.07 -16.38
CA LEU H 70 10.90 -44.10 -17.42
C LEU H 70 10.59 -42.67 -16.99
N ILE H 71 10.36 -42.43 -15.70
CA ILE H 71 10.15 -41.07 -15.23
C ILE H 71 11.43 -40.27 -15.43
N GLY H 72 11.28 -39.04 -15.91
CA GLY H 72 12.40 -38.21 -16.26
C GLY H 72 12.87 -38.35 -17.69
N GLU H 73 12.54 -39.46 -18.35
CA GLU H 73 12.89 -39.66 -19.74
C GLU H 73 11.92 -38.90 -20.66
N GLU H 74 12.36 -38.67 -21.89
CA GLU H 74 11.54 -38.07 -22.92
C GLU H 74 11.10 -39.18 -23.86
N LEU H 75 9.80 -39.48 -23.88
CA LEU H 75 9.25 -40.54 -24.72
C LEU H 75 8.62 -39.94 -25.97
N GLN H 76 8.43 -40.80 -26.97
CA GLN H 76 7.83 -40.39 -28.23
C GLN H 76 7.12 -41.56 -28.86
N VAL H 77 5.85 -41.37 -29.23
CA VAL H 77 5.07 -42.37 -29.92
C VAL H 77 5.08 -42.03 -31.41
N ASP H 78 5.41 -43.01 -32.24
CA ASP H 78 5.46 -42.82 -33.68
C ASP H 78 4.73 -43.95 -34.37
N PHE H 79 4.34 -43.70 -35.62
CA PHE H 79 3.70 -44.73 -36.43
C PHE H 79 4.70 -45.83 -36.77
N LEU H 80 4.18 -47.05 -36.92
CA LEU H 80 5.00 -48.14 -37.43
C LEU H 80 5.30 -47.90 -38.91
N ASP H 81 6.22 -48.71 -39.44
CA ASP H 81 6.69 -48.52 -40.80
C ASP H 81 5.56 -48.78 -41.80
N HIS H 82 5.28 -47.77 -42.63
CA HIS H 82 4.40 -47.90 -43.80
C HIS H 82 2.94 -48.15 -43.43
N VAL H 83 2.48 -47.61 -42.31
CA VAL H 83 1.08 -47.77 -41.91
C VAL H 83 0.21 -46.92 -42.82
N PRO H 84 -1.00 -47.36 -43.16
CA PRO H 84 -1.84 -46.61 -44.10
C PRO H 84 -2.59 -45.45 -43.46
N LEU H 85 -1.92 -44.69 -42.58
CA LEU H 85 -2.52 -43.53 -41.94
C LEU H 85 -1.77 -42.27 -42.35
N THR H 86 -2.53 -41.21 -42.62
CA THR H 86 -1.98 -39.92 -43.01
C THR H 86 -3.02 -38.85 -42.68
N THR H 87 -2.80 -37.64 -43.19
CA THR H 87 -3.74 -36.54 -42.99
C THR H 87 -4.56 -36.32 -44.25
N HIS H 88 -5.80 -35.86 -44.06
CA HIS H 88 -6.69 -35.59 -45.17
C HIS H 88 -6.15 -34.44 -46.02
N ASN H 89 -6.65 -34.37 -47.25
CA ASN H 89 -6.31 -33.29 -48.19
C ASN H 89 -7.63 -32.75 -48.74
N PHE H 90 -8.27 -31.89 -47.96
CA PHE H 90 -9.59 -31.38 -48.28
C PHE H 90 -9.54 -30.37 -49.41
N ALA H 91 -10.62 -30.31 -50.19
CA ALA H 91 -10.76 -29.34 -51.27
C ALA H 91 -12.24 -29.15 -51.56
N ARG H 92 -12.58 -27.96 -52.04
CA ARG H 92 -13.97 -27.68 -52.41
C ARG H 92 -14.40 -28.56 -53.58
N LYS H 93 -15.69 -28.86 -53.64
CA LYS H 93 -16.24 -29.60 -54.75
C LYS H 93 -17.72 -29.28 -54.89
N THR H 94 -18.15 -28.98 -56.11
CA THR H 94 -19.56 -28.82 -56.45
C THR H 94 -20.02 -30.12 -57.09
N PHE H 95 -20.90 -30.84 -56.40
CA PHE H 95 -21.31 -32.18 -56.81
C PHE H 95 -22.40 -32.06 -57.87
N LEU H 96 -21.98 -32.09 -59.13
CA LEU H 96 -22.92 -31.99 -60.24
C LEU H 96 -23.79 -33.23 -60.36
N LYS H 97 -23.33 -34.37 -59.86
CA LYS H 97 -24.15 -35.57 -59.77
C LYS H 97 -24.63 -35.75 -58.33
N LEU H 98 -25.88 -36.16 -58.18
CA LEU H 98 -26.53 -36.23 -56.88
C LEU H 98 -25.71 -37.05 -55.87
N ALA H 99 -25.17 -36.37 -54.86
CA ALA H 99 -24.37 -37.00 -53.83
C ALA H 99 -24.95 -36.65 -52.46
N PHE H 100 -24.50 -37.39 -51.45
CA PHE H 100 -24.97 -37.20 -50.09
C PHE H 100 -23.79 -37.12 -49.13
N CYS H 101 -23.94 -36.30 -48.10
CA CYS H 101 -22.89 -36.13 -47.11
C CYS H 101 -22.63 -37.44 -46.37
N ASP H 102 -21.36 -37.81 -46.25
CA ASP H 102 -20.99 -39.03 -45.53
C ASP H 102 -21.11 -38.90 -44.03
N ILE H 103 -21.63 -37.78 -43.52
CA ILE H 103 -21.80 -37.55 -42.09
C ILE H 103 -23.28 -37.53 -41.70
N CYS H 104 -24.09 -36.75 -42.41
CA CYS H 104 -25.51 -36.59 -42.08
C CYS H 104 -26.44 -37.21 -43.11
N GLN H 105 -25.89 -37.78 -44.20
CA GLN H 105 -26.67 -38.50 -45.21
C GLN H 105 -27.68 -37.60 -45.93
N LYS H 106 -27.51 -36.29 -45.86
CA LYS H 106 -28.38 -35.35 -46.56
C LYS H 106 -27.70 -34.87 -47.84
N PHE H 107 -28.49 -34.21 -48.69
CA PHE H 107 -28.00 -33.85 -50.02
C PHE H 107 -26.81 -32.91 -49.92
N LEU H 108 -25.91 -33.03 -50.89
CA LEU H 108 -24.63 -32.32 -50.89
C LEU H 108 -24.49 -31.59 -52.21
N LEU H 109 -24.50 -30.26 -52.17
CA LEU H 109 -24.33 -29.45 -53.37
C LEU H 109 -22.93 -28.84 -53.40
N ASN H 110 -22.69 -27.83 -52.58
CA ASN H 110 -21.38 -27.20 -52.46
C ASN H 110 -20.76 -27.70 -51.16
N GLY H 111 -19.98 -28.77 -51.27
CA GLY H 111 -19.35 -29.35 -50.10
C GLY H 111 -17.85 -29.43 -50.20
N PHE H 112 -17.26 -30.39 -49.50
CA PHE H 112 -15.81 -30.57 -49.48
C PHE H 112 -15.50 -32.06 -49.60
N ARG H 113 -14.37 -32.37 -50.21
CA ARG H 113 -13.98 -33.76 -50.44
C ARG H 113 -12.49 -33.92 -50.17
N CYS H 114 -12.14 -35.02 -49.51
CA CYS H 114 -10.74 -35.38 -49.30
C CYS H 114 -10.23 -36.09 -50.55
N GLN H 115 -9.20 -35.51 -51.19
CA GLN H 115 -8.71 -36.05 -52.45
C GLN H 115 -8.11 -37.44 -52.32
N THR H 116 -7.75 -37.85 -51.10
CA THR H 116 -7.25 -39.19 -50.84
C THR H 116 -8.34 -40.12 -50.29
N CYS H 117 -9.11 -39.63 -49.32
CA CYS H 117 -10.18 -40.44 -48.72
C CYS H 117 -11.29 -40.73 -49.72
N GLY H 118 -11.81 -39.69 -50.36
CA GLY H 118 -13.14 -39.73 -50.95
C GLY H 118 -14.23 -39.27 -50.01
N TYR H 119 -13.87 -38.85 -48.79
CA TYR H 119 -14.83 -38.38 -47.80
C TYR H 119 -15.49 -37.09 -48.28
N LYS H 120 -16.80 -37.12 -48.50
CA LYS H 120 -17.57 -35.95 -48.91
C LYS H 120 -18.48 -35.54 -47.76
N PHE H 121 -18.51 -34.24 -47.46
CA PHE H 121 -19.20 -33.76 -46.27
C PHE H 121 -19.57 -32.30 -46.45
N HIS H 122 -20.52 -31.85 -45.61
CA HIS H 122 -20.85 -30.44 -45.53
C HIS H 122 -19.77 -29.69 -44.76
N GLU H 123 -19.77 -28.36 -44.92
CA GLU H 123 -18.86 -27.52 -44.16
C GLU H 123 -19.14 -27.66 -42.66
N HIS H 124 -20.41 -27.59 -42.27
CA HIS H 124 -20.80 -27.71 -40.88
C HIS H 124 -20.74 -29.14 -40.37
N CYS H 125 -20.36 -30.11 -41.21
CA CYS H 125 -20.14 -31.49 -40.79
C CYS H 125 -18.67 -31.84 -40.72
N SER H 126 -17.77 -30.85 -40.89
CA SER H 126 -16.35 -31.15 -41.04
C SER H 126 -15.74 -31.70 -39.76
N THR H 127 -16.28 -31.33 -38.60
CA THR H 127 -15.71 -31.77 -37.34
C THR H 127 -15.95 -33.26 -37.08
N LYS H 128 -16.99 -33.84 -37.66
CA LYS H 128 -17.26 -35.26 -37.48
C LYS H 128 -16.41 -36.15 -38.39
N VAL H 129 -15.67 -35.57 -39.33
CA VAL H 129 -14.78 -36.36 -40.19
C VAL H 129 -13.67 -36.96 -39.33
N PRO H 130 -13.33 -38.24 -39.52
CA PRO H 130 -12.26 -38.84 -38.71
C PRO H 130 -10.96 -38.07 -38.84
N THR H 131 -10.19 -38.06 -37.75
CA THR H 131 -8.96 -37.26 -37.70
C THR H 131 -7.93 -37.77 -38.70
N MET H 132 -7.76 -39.08 -38.79
CA MET H 132 -6.72 -39.67 -39.63
C MET H 132 -7.30 -40.16 -40.95
N CYS H 133 -6.51 -40.02 -42.01
CA CYS H 133 -6.90 -40.41 -43.35
C CYS H 133 -6.37 -41.80 -43.64
N VAL H 134 -7.26 -42.74 -43.94
CA VAL H 134 -6.91 -44.12 -44.21
C VAL H 134 -6.79 -44.31 -45.71
N ASP H 135 -5.62 -44.77 -46.17
CA ASP H 135 -5.31 -44.91 -47.60
C ASP H 135 -4.71 -46.28 -47.84
N TRP H 136 -5.48 -47.17 -48.47
CA TRP H 136 -4.98 -48.49 -48.83
C TRP H 136 -5.07 -48.69 -50.35
N SER H 137 -4.48 -47.76 -51.11
CA SER H 137 -4.54 -47.83 -52.56
C SER H 137 -3.25 -48.38 -53.14
PG GNP I . 4.20 -0.46 -7.71
O1G GNP I . 4.49 0.97 -7.79
O2G GNP I . 2.62 -0.65 -7.69
O3G GNP I . 4.78 -1.18 -9.00
N3B GNP I . 4.83 -1.18 -6.39
PB GNP I . 6.37 -1.18 -5.86
O1B GNP I . 7.16 -2.26 -6.45
O2B GNP I . 7.04 0.21 -6.24
O3A GNP I . 6.34 -1.26 -4.26
PA GNP I . 6.56 -0.16 -3.13
O1A GNP I . 7.95 0.33 -3.11
O2A GNP I . 5.49 0.91 -3.32
O5' GNP I . 6.19 -0.92 -1.78
C5' GNP I . 4.95 -1.59 -1.47
C4' GNP I . 4.87 -1.86 0.01
O4' GNP I . 5.93 -2.75 0.40
C3' GNP I . 4.99 -0.63 0.91
O3' GNP I . 4.06 -0.69 1.99
C2' GNP I . 6.43 -0.71 1.41
O2' GNP I . 6.58 -0.11 2.70
C1' GNP I . 6.64 -2.22 1.49
N9 GNP I . 8.04 -2.63 1.39
C8 GNP I . 8.90 -2.35 0.36
N7 GNP I . 10.11 -2.85 0.55
C5 GNP I . 10.03 -3.49 1.77
C6 GNP I . 11.00 -4.22 2.52
O6 GNP I . 12.18 -4.43 2.20
N1 GNP I . 10.50 -4.69 3.71
C2 GNP I . 9.22 -4.52 4.15
N2 GNP I . 8.90 -5.05 5.33
N3 GNP I . 8.29 -3.84 3.47
C4 GNP I . 8.76 -3.36 2.29
MG MG J . 6.28 1.70 -7.23
ZN ZN K . 28.04 21.17 -4.10
ZN ZN L . 31.93 9.33 5.62
PG GNP M . -24.67 -8.62 7.63
O1G GNP M . -24.83 -7.79 6.44
O2G GNP M . -25.45 -9.99 7.44
O3G GNP M . -25.27 -7.86 8.88
N3B GNP M . -23.10 -8.95 7.95
PB GNP M . -21.94 -7.96 8.51
O1B GNP M . -21.40 -7.10 7.47
O2B GNP M . -22.61 -7.04 9.64
O3A GNP M . -20.82 -8.82 9.24
PA GNP M . -20.48 -9.09 10.77
O1A GNP M . -20.07 -7.84 11.47
O2A GNP M . -21.70 -9.79 11.39
O5' GNP M . -19.31 -10.16 10.74
C5' GNP M . -19.25 -11.34 9.92
C4' GNP M . -18.10 -12.21 10.37
O4' GNP M . -16.85 -11.60 10.00
C3' GNP M . -18.02 -12.47 11.88
O3' GNP M . -17.66 -13.83 12.15
C2' GNP M . -16.94 -11.50 12.35
O2' GNP M . -16.27 -11.99 13.50
C1' GNP M . -16.01 -11.48 11.14
N9 GNP M . -15.23 -10.24 11.01
C8 GNP M . -15.71 -8.97 10.91
N7 GNP M . -14.76 -8.06 10.81
C5 GNP M . -13.58 -8.79 10.85
C6 GNP M . -12.23 -8.37 10.77
O6 GNP M . -11.80 -7.23 10.67
N1 GNP M . -11.35 -9.45 10.84
C2 GNP M . -11.72 -10.76 10.96
N2 GNP M . -10.73 -11.67 11.01
N3 GNP M . -12.99 -11.16 11.03
C4 GNP M . -13.86 -10.14 10.96
MG MG N . -24.98 -6.99 10.66
ZN ZN O . -22.41 10.68 33.35
ZN ZN P . -7.25 8.61 29.02
PG GNP Q . 26.09 12.40 27.52
O1G GNP Q . 27.50 12.09 27.71
O2G GNP Q . 25.93 13.44 26.34
O3G GNP Q . 25.52 13.08 28.84
N3B GNP Q . 25.18 11.09 27.17
PB GNP Q . 23.61 11.00 26.75
O1B GNP Q . 22.74 10.87 27.91
O2B GNP Q . 23.22 12.34 25.96
O3A GNP Q . 23.42 9.80 25.73
PA GNP Q . 23.35 9.71 24.14
O1A GNP Q . 22.14 10.37 23.62
O2A GNP Q . 24.67 10.26 23.60
O5' GNP Q . 23.34 8.16 23.84
C5' GNP Q . 24.18 7.15 24.44
C4' GNP Q . 24.13 5.88 23.62
O4' GNP Q . 22.92 5.15 23.91
C3' GNP Q . 24.17 6.08 22.11
O3' GNP Q . 24.97 5.08 21.48
C2' GNP Q . 22.70 5.96 21.71
O2' GNP Q . 22.55 5.49 20.38
C1' GNP Q . 22.19 4.94 22.72
N9 GNP Q . 20.75 5.07 23.01
C8 GNP Q . 20.11 6.19 23.47
N7 GNP Q . 18.82 6.00 23.64
C5 GNP Q . 18.61 4.69 23.28
C6 GNP Q . 17.42 3.90 23.26
O6 GNP Q . 16.29 4.25 23.57
N1 GNP Q . 17.66 2.61 22.82
C2 GNP Q . 18.89 2.11 22.47
N2 GNP Q . 18.93 0.83 22.08
N3 GNP Q . 20.01 2.83 22.48
C4 GNP Q . 19.80 4.10 22.90
MG MG R . 24.16 14.09 25.54
ZN ZN S . 6.85 28.69 7.02
ZN ZN T . -0.57 14.87 8.93
PG GNP U . -8.45 -29.37 -15.60
O1G GNP U . -7.90 -28.02 -15.56
O2G GNP U . -8.07 -30.13 -14.26
O3G GNP U . -7.78 -30.17 -16.80
N3B GNP U . -10.07 -29.41 -15.81
PB GNP U . -10.95 -28.96 -17.09
O1B GNP U . -11.08 -27.51 -17.20
O2B GNP U . -10.25 -29.51 -18.41
O3A GNP U . -12.37 -29.67 -16.99
PA GNP U . -12.92 -31.07 -17.51
O1A GNP U . -13.15 -31.06 -18.97
O2A GNP U . -11.95 -32.15 -17.02
O5' GNP U . -14.28 -31.29 -16.72
C5' GNP U . -14.43 -31.63 -15.33
C4' GNP U . -15.80 -32.21 -15.11
O4' GNP U . -16.81 -31.27 -15.59
C3' GNP U . -16.08 -33.55 -15.81
O3' GNP U . -16.77 -34.45 -14.95
C2' GNP U . -16.94 -33.14 -17.00
O2' GNP U . -17.83 -34.19 -17.38
C1' GNP U . -17.71 -31.95 -16.44
N9 GNP U . -18.18 -31.00 -17.46
C8 GNP U . -17.42 -30.31 -18.36
N7 GNP U . -18.12 -29.55 -19.16
C5 GNP U . -19.43 -29.74 -18.75
C6 GNP U . -20.66 -29.18 -19.23
O6 GNP U . -20.80 -28.37 -20.15
N1 GNP U . -21.75 -29.66 -18.54
C2 GNP U . -21.70 -30.56 -17.50
N2 GNP U . -22.86 -30.91 -16.94
N3 GNP U . -20.56 -31.09 -17.05
C4 GNP U . -19.48 -30.64 -17.71
MG MG V . -8.75 -31.24 -18.23
ZN ZN W . -8.74 -38.62 -46.17
ZN ZN X . -23.55 -33.22 -43.73
#